data_2AY5
#
_entry.id   2AY5
#
_cell.length_a   124.000
_cell.length_b   122.060
_cell.length_c   55.110
_cell.angle_alpha   90.00
_cell.angle_beta   90.00
_cell.angle_gamma   90.00
#
_symmetry.space_group_name_H-M   'P 21 21 21'
#
loop_
_entity.id
_entity.type
_entity.pdbx_description
1 polymer 'AROMATIC AMINO ACID AMINOTRANSFERASE'
2 non-polymer "PYRIDOXAL-5'-PHOSPHATE"
3 non-polymer 'INDOLYLPROPIONIC ACID'
4 water water
#
_entity_poly.entity_id   1
_entity_poly.type   'polypeptide(L)'
_entity_poly.pdbx_seq_one_letter_code
;MLGNLKPQAPDKILALMGEFRADPRQGKIDLGVGVYKDATGHTPIMRAVHAAEQRMLETETTKTYAGLSGEPEFQKAMGE
LILGDGLKSETTATLATVGGTGALRQALELARMANPDLRVFVSDPTWPNHVSIMNFMGLPVQTYRYFDAETRGVDFEGMK
ADLAAAKKGDMVLLHGCCHNPTGANLTLDQWAEIASILEKTGALPLIDLAYQGFGDGLEEDAAGTRLIASRIPEVLIAAS
CSKNFGIYRERTGCLLALCADAATRELAQGAMAFLNRQTYSFPPFHGAKIVSTVLTTPELRADWMAELEAVRSGMLRLRE
QLAGELRDLSGSDRFGFVAEHRGMFSRLGATPEQVKRIKEEFGIYMVGDSRINIAGLNDNTIPILARAIIEVGV
;
_entity_poly.pdbx_strand_id   A,B
#
loop_
_chem_comp.id
_chem_comp.type
_chem_comp.name
_chem_comp.formula
IOP non-polymer 'INDOLYLPROPIONIC ACID' 'C11 H11 N O2'
PLP non-polymer PYRIDOXAL-5'-PHOSPHATE 'C8 H10 N O6 P'
#
# COMPACT_ATOMS: atom_id res chain seq x y z
N MET A 1 19.90 13.69 -12.42
CA MET A 1 20.28 12.91 -11.20
C MET A 1 19.86 11.44 -11.33
N LEU A 2 18.65 11.21 -11.81
CA LEU A 2 18.14 9.85 -11.97
C LEU A 2 18.95 8.93 -12.88
N GLY A 3 20.02 9.45 -13.47
CA GLY A 3 20.86 8.64 -14.34
C GLY A 3 21.85 7.81 -13.55
N ASN A 4 22.08 8.20 -12.30
CA ASN A 4 23.01 7.49 -11.40
C ASN A 4 22.32 6.26 -10.83
N LEU A 5 21.03 6.12 -11.15
CA LEU A 5 20.22 5.00 -10.70
C LEU A 5 20.76 3.71 -11.30
N LYS A 6 20.81 2.65 -10.50
CA LYS A 6 21.28 1.37 -11.01
C LYS A 6 20.12 0.56 -11.58
N PRO A 7 20.35 -0.10 -12.72
CA PRO A 7 19.30 -0.90 -13.35
C PRO A 7 18.84 -2.02 -12.43
N GLN A 8 17.55 -2.01 -12.13
CA GLN A 8 16.96 -3.02 -11.29
C GLN A 8 16.41 -4.09 -12.21
N ALA A 9 16.53 -5.35 -11.79
CA ALA A 9 16.06 -6.48 -12.58
C ALA A 9 14.55 -6.53 -12.74
N PRO A 10 14.07 -6.99 -13.90
CA PRO A 10 12.64 -7.11 -14.19
C PRO A 10 11.97 -8.07 -13.20
N ASP A 11 10.64 -8.04 -13.17
CA ASP A 11 9.86 -8.89 -12.26
C ASP A 11 10.09 -10.39 -12.47
N LYS A 12 10.76 -10.75 -13.57
CA LYS A 12 11.07 -12.14 -13.92
C LYS A 12 9.84 -12.89 -14.43
N ILE A 13 8.79 -12.90 -13.61
CA ILE A 13 7.54 -13.58 -13.97
C ILE A 13 7.07 -13.19 -15.37
N LEU A 14 7.16 -11.90 -15.70
CA LEU A 14 6.76 -11.42 -17.02
C LEU A 14 7.60 -12.05 -18.14
N ALA A 15 8.89 -12.22 -17.88
CA ALA A 15 9.78 -12.82 -18.86
C ALA A 15 9.37 -14.28 -19.02
N LEU A 16 9.02 -14.91 -17.89
CA LEU A 16 8.60 -16.30 -17.89
C LEU A 16 7.37 -16.50 -18.78
N MET A 17 6.38 -15.63 -18.63
CA MET A 17 5.17 -15.71 -19.45
C MET A 17 5.48 -15.34 -20.89
N GLY A 18 6.51 -14.50 -21.07
CA GLY A 18 6.91 -14.09 -22.40
C GLY A 18 7.33 -15.26 -23.27
N GLU A 19 8.16 -16.15 -22.72
CA GLU A 19 8.62 -17.32 -23.45
C GLU A 19 7.46 -18.25 -23.77
N PHE A 20 6.57 -18.41 -22.80
CA PHE A 20 5.41 -19.28 -22.98
C PHE A 20 4.59 -18.85 -24.19
N ARG A 21 4.20 -17.57 -24.23
CA ARG A 21 3.41 -17.02 -25.34
C ARG A 21 4.08 -17.17 -26.71
N ALA A 22 5.40 -17.05 -26.75
CA ALA A 22 6.14 -17.17 -28.00
C ALA A 22 6.06 -18.58 -28.58
N ASP A 23 6.00 -19.58 -27.70
CA ASP A 23 5.94 -20.98 -28.11
C ASP A 23 4.80 -21.24 -29.11
N PRO A 24 5.15 -21.63 -30.34
CA PRO A 24 4.16 -21.91 -31.39
C PRO A 24 3.48 -23.26 -31.25
N ARG A 25 3.81 -23.99 -30.19
CA ARG A 25 3.21 -25.31 -29.97
C ARG A 25 1.76 -25.29 -29.59
N GLN A 26 0.97 -26.08 -30.31
CA GLN A 26 -0.46 -26.18 -30.11
C GLN A 26 -0.83 -26.67 -28.71
N GLY A 27 -0.27 -27.79 -28.29
CA GLY A 27 -0.60 -28.32 -26.98
C GLY A 27 0.39 -28.06 -25.87
N LYS A 28 0.73 -26.79 -25.64
CA LYS A 28 1.67 -26.44 -24.58
C LYS A 28 0.89 -26.29 -23.28
N ILE A 29 1.58 -26.45 -22.15
CA ILE A 29 0.94 -26.35 -20.84
C ILE A 29 1.74 -25.41 -19.94
N ASP A 30 1.04 -24.72 -19.03
CA ASP A 30 1.69 -23.77 -18.12
C ASP A 30 1.39 -24.04 -16.65
N LEU A 31 2.35 -24.63 -15.95
CA LEU A 31 2.19 -24.90 -14.53
C LEU A 31 3.00 -23.90 -13.69
N GLY A 32 3.53 -22.88 -14.37
CA GLY A 32 4.32 -21.87 -13.70
C GLY A 32 3.46 -20.80 -13.04
N VAL A 33 2.20 -20.70 -13.47
CA VAL A 33 1.28 -19.71 -12.88
C VAL A 33 1.33 -19.80 -11.37
N GLY A 34 1.26 -18.65 -10.70
CA GLY A 34 1.30 -18.65 -9.26
C GLY A 34 -0.03 -18.29 -8.63
N VAL A 35 -1.07 -18.21 -9.45
CA VAL A 35 -2.40 -17.87 -8.94
C VAL A 35 -3.33 -19.05 -9.19
N TYR A 36 -4.48 -19.05 -8.52
CA TYR A 36 -5.42 -20.13 -8.72
C TYR A 36 -6.14 -19.97 -10.07
N LYS A 37 -6.30 -21.09 -10.77
CA LYS A 37 -6.98 -21.12 -12.05
C LYS A 37 -7.94 -22.28 -11.99
N ASP A 38 -9.18 -22.05 -12.41
CA ASP A 38 -10.20 -23.10 -12.38
C ASP A 38 -10.14 -24.01 -13.60
N ALA A 39 -11.16 -24.86 -13.74
CA ALA A 39 -11.23 -25.82 -14.84
C ALA A 39 -11.11 -25.19 -16.22
N THR A 40 -11.50 -23.92 -16.34
CA THR A 40 -11.43 -23.23 -17.62
C THR A 40 -10.19 -22.32 -17.75
N GLY A 41 -9.27 -22.41 -16.79
CA GLY A 41 -8.06 -21.60 -16.81
C GLY A 41 -8.27 -20.16 -16.38
N HIS A 42 -9.34 -19.91 -15.62
CA HIS A 42 -9.66 -18.56 -15.14
C HIS A 42 -9.48 -18.44 -13.63
N THR A 43 -9.41 -17.20 -13.15
CA THR A 43 -9.28 -16.91 -11.72
C THR A 43 -10.59 -16.21 -11.31
N PRO A 44 -11.65 -16.99 -11.10
CA PRO A 44 -12.98 -16.47 -10.73
C PRO A 44 -13.08 -15.61 -9.47
N ILE A 45 -14.04 -14.69 -9.47
CA ILE A 45 -14.29 -13.86 -8.31
C ILE A 45 -15.27 -14.69 -7.47
N MET A 46 -14.89 -15.00 -6.24
CA MET A 46 -15.75 -15.78 -5.36
C MET A 46 -17.14 -15.17 -5.20
N ARG A 47 -18.17 -16.02 -5.19
CA ARG A 47 -19.56 -15.57 -5.07
C ARG A 47 -19.79 -14.64 -3.87
N ALA A 48 -19.23 -15.02 -2.73
CA ALA A 48 -19.36 -14.25 -1.50
C ALA A 48 -18.72 -12.88 -1.69
N VAL A 49 -17.57 -12.87 -2.34
CA VAL A 49 -16.85 -11.63 -2.60
C VAL A 49 -17.69 -10.71 -3.46
N HIS A 50 -18.27 -11.24 -4.53
CA HIS A 50 -19.10 -10.45 -5.43
C HIS A 50 -20.36 -9.96 -4.72
N ALA A 51 -20.81 -10.71 -3.72
CA ALA A 51 -21.99 -10.34 -2.95
C ALA A 51 -21.66 -9.22 -1.97
N ALA A 52 -20.45 -9.26 -1.40
CA ALA A 52 -19.98 -8.25 -0.47
C ALA A 52 -19.83 -6.89 -1.17
N GLU A 53 -19.19 -6.90 -2.33
CA GLU A 53 -18.99 -5.66 -3.09
C GLU A 53 -20.32 -5.03 -3.44
N GLN A 54 -21.31 -5.89 -3.68
CA GLN A 54 -22.65 -5.47 -4.04
C GLN A 54 -23.31 -4.79 -2.85
N ARG A 55 -23.24 -5.44 -1.68
CA ARG A 55 -23.79 -4.87 -0.44
C ARG A 55 -23.13 -3.51 -0.18
N MET A 56 -21.81 -3.50 -0.24
CA MET A 56 -21.01 -2.29 0.00
C MET A 56 -21.47 -1.13 -0.86
N LEU A 57 -21.72 -1.40 -2.14
CA LEU A 57 -22.16 -0.38 -3.08
C LEU A 57 -23.49 0.27 -2.69
N GLU A 58 -24.26 -0.41 -1.85
CA GLU A 58 -25.56 0.11 -1.41
C GLU A 58 -25.52 0.75 -0.03
N THR A 59 -24.54 0.42 0.79
CA THR A 59 -24.48 0.99 2.12
C THR A 59 -23.39 2.02 2.40
N GLU A 60 -22.31 2.01 1.64
CA GLU A 60 -21.25 2.97 1.90
C GLU A 60 -21.71 4.36 1.46
N THR A 61 -21.84 5.25 2.43
CA THR A 61 -22.29 6.63 2.19
C THR A 61 -21.14 7.62 1.98
N THR A 62 -19.95 7.25 2.46
CA THR A 62 -18.79 8.11 2.35
C THR A 62 -17.53 7.30 2.12
N LYS A 63 -16.48 7.99 1.68
CA LYS A 63 -15.18 7.38 1.46
C LYS A 63 -14.12 8.19 2.19
N THR A 64 -14.54 8.90 3.25
CA THR A 64 -13.60 9.72 4.03
C THR A 64 -12.52 8.87 4.64
N TYR A 65 -11.48 9.52 5.13
CA TYR A 65 -10.39 8.82 5.79
C TYR A 65 -11.00 7.96 6.91
N ALA A 66 -10.52 6.73 7.03
CA ALA A 66 -10.99 5.81 8.05
C ALA A 66 -9.86 5.51 9.04
N GLY A 67 -9.81 4.29 9.57
CA GLY A 67 -8.79 3.94 10.53
C GLY A 67 -7.38 3.83 9.96
N LEU A 68 -6.41 4.42 10.65
CA LEU A 68 -5.02 4.41 10.24
C LEU A 68 -4.40 3.02 10.30
N SER A 69 -4.76 2.26 11.33
CA SER A 69 -4.25 0.91 11.49
C SER A 69 -5.28 -0.12 11.04
N GLY A 70 -6.31 0.36 10.35
CA GLY A 70 -7.36 -0.52 9.87
C GLY A 70 -8.63 -0.34 10.66
N GLU A 71 -9.67 -1.00 10.21
CA GLU A 71 -10.98 -0.94 10.86
C GLU A 71 -11.15 -2.10 11.83
N PRO A 72 -11.73 -1.81 13.01
CA PRO A 72 -11.99 -2.79 14.08
C PRO A 72 -12.69 -4.06 13.55
N GLU A 73 -13.78 -3.86 12.81
CA GLU A 73 -14.55 -4.96 12.22
C GLU A 73 -13.62 -5.94 11.52
N PHE A 74 -12.61 -5.41 10.81
CA PHE A 74 -11.65 -6.23 10.07
C PHE A 74 -10.61 -6.87 10.98
N GLN A 75 -10.01 -6.07 11.85
CA GLN A 75 -9.00 -6.56 12.78
C GLN A 75 -9.52 -7.70 13.64
N LYS A 76 -10.77 -7.58 14.09
CA LYS A 76 -11.37 -8.61 14.93
C LYS A 76 -11.65 -9.86 14.11
N ALA A 77 -12.25 -9.67 12.94
CA ALA A 77 -12.60 -10.77 12.05
C ALA A 77 -11.35 -11.60 11.68
N MET A 78 -10.27 -10.91 11.31
CA MET A 78 -9.04 -11.60 10.94
C MET A 78 -8.45 -12.32 12.12
N GLY A 79 -8.36 -11.63 13.25
CA GLY A 79 -7.83 -12.24 14.46
C GLY A 79 -8.56 -13.53 14.83
N GLU A 80 -9.87 -13.55 14.66
CA GLU A 80 -10.66 -14.73 14.98
C GLU A 80 -10.53 -15.83 13.94
N LEU A 81 -10.37 -15.44 12.68
CA LEU A 81 -10.22 -16.39 11.59
C LEU A 81 -8.92 -17.19 11.79
N ILE A 82 -7.87 -16.47 12.18
CA ILE A 82 -6.57 -17.08 12.38
C ILE A 82 -6.41 -17.76 13.75
N LEU A 83 -6.68 -17.02 14.82
CA LEU A 83 -6.52 -17.55 16.17
C LEU A 83 -7.71 -18.26 16.81
N GLY A 84 -8.90 -18.04 16.25
CA GLY A 84 -10.09 -18.69 16.80
C GLY A 84 -10.38 -18.28 18.24
N ASP A 85 -10.75 -19.25 19.08
CA ASP A 85 -11.06 -18.99 20.48
C ASP A 85 -9.85 -18.48 21.26
N GLY A 86 -8.65 -18.82 20.80
CA GLY A 86 -7.45 -18.41 21.48
C GLY A 86 -7.03 -16.96 21.36
N LEU A 87 -7.85 -16.15 20.69
CA LEU A 87 -7.51 -14.74 20.50
C LEU A 87 -7.58 -13.92 21.79
N LYS A 88 -6.41 -13.65 22.36
CA LYS A 88 -6.30 -12.85 23.59
C LYS A 88 -6.22 -11.37 23.18
N SER A 89 -7.37 -10.77 22.88
CA SER A 89 -7.44 -9.38 22.46
C SER A 89 -6.59 -8.41 23.29
N GLU A 90 -6.58 -8.62 24.60
CA GLU A 90 -5.82 -7.79 25.53
C GLU A 90 -4.34 -7.66 25.17
N THR A 91 -3.77 -8.73 24.63
CA THR A 91 -2.36 -8.75 24.28
C THR A 91 -2.08 -8.81 22.77
N THR A 92 -3.12 -8.60 21.95
CA THR A 92 -2.94 -8.66 20.52
C THR A 92 -3.05 -7.30 19.81
N ALA A 93 -1.99 -6.92 19.10
CA ALA A 93 -1.93 -5.69 18.33
C ALA A 93 -2.17 -6.09 16.87
N THR A 94 -3.01 -5.33 16.19
CA THR A 94 -3.33 -5.64 14.82
C THR A 94 -3.04 -4.47 13.87
N LEU A 95 -2.68 -4.78 12.63
CA LEU A 95 -2.39 -3.74 11.65
C LEU A 95 -2.86 -4.16 10.27
N ALA A 96 -3.78 -3.39 9.69
CA ALA A 96 -4.24 -3.69 8.33
C ALA A 96 -3.11 -3.29 7.40
N THR A 97 -2.81 -4.16 6.43
CA THR A 97 -1.71 -3.90 5.52
C THR A 97 -2.05 -4.03 4.03
N VAL A 98 -1.11 -3.61 3.20
CA VAL A 98 -1.26 -3.69 1.75
C VAL A 98 -0.81 -5.11 1.39
N GLY A 99 -1.74 -6.04 1.50
CA GLY A 99 -1.45 -7.43 1.20
C GLY A 99 -0.52 -8.11 2.20
N GLY A 100 -0.35 -9.41 2.01
CA GLY A 100 0.54 -10.16 2.88
C GLY A 100 1.95 -9.61 2.81
N THR A 101 2.38 -9.21 1.61
CA THR A 101 3.72 -8.67 1.43
C THR A 101 3.90 -7.41 2.28
N GLY A 102 2.85 -6.59 2.35
CA GLY A 102 2.91 -5.39 3.16
C GLY A 102 3.07 -5.79 4.60
N ALA A 103 2.32 -6.80 5.01
CA ALA A 103 2.40 -7.30 6.37
C ALA A 103 3.81 -7.77 6.68
N LEU A 104 4.39 -8.53 5.75
CA LEU A 104 5.76 -9.04 5.91
C LEU A 104 6.76 -7.90 6.07
N ARG A 105 6.71 -6.93 5.15
CA ARG A 105 7.60 -5.78 5.19
C ARG A 105 7.49 -5.07 6.55
N GLN A 106 6.27 -4.76 6.97
CA GLN A 106 6.04 -4.09 8.25
C GLN A 106 6.56 -4.93 9.43
N ALA A 107 6.35 -6.24 9.38
CA ALA A 107 6.80 -7.14 10.44
C ALA A 107 8.31 -7.01 10.62
N LEU A 108 9.02 -7.02 9.50
CA LEU A 108 10.47 -6.87 9.50
C LEU A 108 10.86 -5.49 10.04
N GLU A 109 10.09 -4.46 9.69
CA GLU A 109 10.35 -3.09 10.16
C GLU A 109 10.18 -2.93 11.67
N LEU A 110 9.12 -3.53 12.18
CA LEU A 110 8.79 -3.49 13.59
C LEU A 110 9.87 -4.16 14.44
N ALA A 111 10.23 -5.38 14.05
CA ALA A 111 11.24 -6.15 14.77
C ALA A 111 12.57 -5.45 14.77
N ARG A 112 12.94 -4.85 13.63
CA ARG A 112 14.20 -4.14 13.54
C ARG A 112 14.21 -2.91 14.45
N MET A 113 13.03 -2.35 14.73
CA MET A 113 12.92 -1.19 15.62
C MET A 113 13.19 -1.61 17.06
N ALA A 114 12.62 -2.75 17.44
CA ALA A 114 12.77 -3.29 18.79
C ALA A 114 14.18 -3.83 19.03
N ASN A 115 14.85 -4.23 17.95
CA ASN A 115 16.20 -4.77 18.04
C ASN A 115 16.97 -4.53 16.74
N PRO A 116 17.90 -3.58 16.74
CA PRO A 116 18.72 -3.25 15.56
C PRO A 116 19.58 -4.41 15.08
N ASP A 117 20.02 -5.25 16.00
CA ASP A 117 20.87 -6.39 15.68
C ASP A 117 20.11 -7.65 15.23
N LEU A 118 18.89 -7.46 14.75
CA LEU A 118 18.04 -8.56 14.30
C LEU A 118 18.61 -9.36 13.13
N ARG A 119 18.60 -10.69 13.28
CA ARG A 119 19.07 -11.60 12.23
C ARG A 119 17.84 -12.41 11.83
N VAL A 120 17.74 -12.75 10.56
CA VAL A 120 16.59 -13.51 10.09
C VAL A 120 16.99 -14.90 9.60
N PHE A 121 16.16 -15.89 9.93
CA PHE A 121 16.38 -17.27 9.52
C PHE A 121 15.22 -17.62 8.59
N VAL A 122 15.54 -18.11 7.39
CA VAL A 122 14.51 -18.47 6.42
C VAL A 122 14.75 -19.91 5.96
N SER A 123 13.68 -20.60 5.57
CA SER A 123 13.81 -21.98 5.13
C SER A 123 14.54 -22.12 3.81
N ASP A 124 15.04 -23.32 3.57
CA ASP A 124 15.73 -23.63 2.33
C ASP A 124 14.85 -24.67 1.63
N PRO A 125 14.06 -24.25 0.62
CA PRO A 125 13.93 -22.91 0.08
C PRO A 125 12.73 -22.16 0.67
N THR A 126 12.50 -20.95 0.19
CA THR A 126 11.39 -20.14 0.64
C THR A 126 10.97 -19.22 -0.50
N TRP A 127 9.83 -18.56 -0.34
CA TRP A 127 9.29 -17.63 -1.33
C TRP A 127 10.38 -16.57 -1.58
N PRO A 128 10.83 -16.43 -2.84
CA PRO A 128 11.88 -15.49 -3.27
C PRO A 128 11.76 -14.05 -2.78
N ASN A 129 10.52 -13.58 -2.63
CA ASN A 129 10.26 -12.23 -2.17
C ASN A 129 10.80 -12.00 -0.76
N HIS A 130 10.82 -13.07 0.02
CA HIS A 130 11.32 -13.00 1.39
C HIS A 130 12.76 -12.48 1.39
N VAL A 131 13.60 -13.18 0.66
CA VAL A 131 15.00 -12.83 0.58
C VAL A 131 15.22 -11.45 -0.03
N SER A 132 14.45 -11.10 -1.05
CA SER A 132 14.63 -9.80 -1.68
C SER A 132 14.33 -8.64 -0.73
N ILE A 133 13.20 -8.71 -0.04
CA ILE A 133 12.79 -7.67 0.92
C ILE A 133 13.89 -7.48 1.96
N MET A 134 14.30 -8.60 2.57
CA MET A 134 15.34 -8.59 3.60
C MET A 134 16.65 -8.05 3.07
N ASN A 135 17.00 -8.45 1.84
CA ASN A 135 18.22 -7.95 1.20
C ASN A 135 18.12 -6.45 1.03
N PHE A 136 16.95 -5.99 0.59
CA PHE A 136 16.68 -4.58 0.37
C PHE A 136 16.84 -3.79 1.68
N MET A 137 16.32 -4.35 2.77
CA MET A 137 16.42 -3.72 4.08
C MET A 137 17.83 -3.79 4.66
N GLY A 138 18.65 -4.68 4.10
CA GLY A 138 20.01 -4.85 4.58
C GLY A 138 20.11 -5.74 5.82
N LEU A 139 19.07 -6.54 6.05
CA LEU A 139 19.02 -7.44 7.20
C LEU A 139 19.85 -8.68 6.91
N PRO A 140 20.66 -9.13 7.89
CA PRO A 140 21.48 -10.33 7.70
C PRO A 140 20.56 -11.56 7.66
N VAL A 141 20.68 -12.35 6.61
CA VAL A 141 19.85 -13.54 6.41
C VAL A 141 20.61 -14.85 6.53
N GLN A 142 20.03 -15.77 7.29
CA GLN A 142 20.59 -17.10 7.53
C GLN A 142 19.55 -18.10 7.06
N THR A 143 20.02 -19.28 6.67
CA THR A 143 19.14 -20.32 6.15
C THR A 143 19.07 -21.53 7.08
N TYR A 144 17.94 -22.22 7.08
CA TYR A 144 17.78 -23.44 7.85
C TYR A 144 17.23 -24.48 6.89
N ARG A 145 17.79 -25.69 6.97
CA ARG A 145 17.36 -26.79 6.10
C ARG A 145 15.87 -27.05 6.21
N TYR A 146 15.28 -27.47 5.11
CA TYR A 146 13.87 -27.75 5.09
C TYR A 146 13.50 -28.80 4.06
N PHE A 147 13.68 -28.50 2.78
CA PHE A 147 13.31 -29.44 1.74
C PHE A 147 14.34 -30.52 1.52
N ASP A 148 13.92 -31.78 1.64
CA ASP A 148 14.81 -32.90 1.39
C ASP A 148 14.63 -33.18 -0.10
N ALA A 149 15.65 -32.88 -0.89
CA ALA A 149 15.59 -33.08 -2.34
C ALA A 149 15.37 -34.53 -2.78
N GLU A 150 15.63 -35.49 -1.89
CA GLU A 150 15.48 -36.90 -2.20
C GLU A 150 14.06 -37.44 -2.00
N THR A 151 13.48 -37.17 -0.83
CA THR A 151 12.14 -37.64 -0.53
C THR A 151 11.08 -36.61 -0.82
N ARG A 152 11.51 -35.41 -1.15
CA ARG A 152 10.61 -34.30 -1.42
C ARG A 152 9.79 -34.00 -0.18
N GLY A 153 10.28 -34.45 0.97
CA GLY A 153 9.59 -34.23 2.22
C GLY A 153 10.37 -33.23 3.04
N VAL A 154 10.07 -33.14 4.33
CA VAL A 154 10.76 -32.20 5.21
C VAL A 154 11.94 -32.86 5.90
N ASP A 155 13.09 -32.22 5.80
CA ASP A 155 14.32 -32.68 6.42
C ASP A 155 14.29 -32.13 7.84
N PHE A 156 13.38 -32.65 8.67
CA PHE A 156 13.22 -32.17 10.04
C PHE A 156 14.44 -32.16 10.94
N GLU A 157 15.26 -33.21 10.86
CA GLU A 157 16.46 -33.29 11.68
C GLU A 157 17.38 -32.13 11.35
N GLY A 158 17.54 -31.85 10.04
CA GLY A 158 18.39 -30.77 9.60
C GLY A 158 17.85 -29.42 10.01
N MET A 159 16.54 -29.25 9.89
CA MET A 159 15.87 -28.00 10.26
C MET A 159 16.12 -27.74 11.75
N LYS A 160 16.02 -28.80 12.55
CA LYS A 160 16.23 -28.69 13.99
C LYS A 160 17.63 -28.28 14.38
N ALA A 161 18.64 -28.96 13.83
CA ALA A 161 20.02 -28.65 14.12
C ALA A 161 20.33 -27.18 13.78
N ASP A 162 19.86 -26.75 12.61
CA ASP A 162 20.09 -25.37 12.15
C ASP A 162 19.38 -24.29 12.97
N LEU A 163 18.17 -24.59 13.42
CA LEU A 163 17.41 -23.63 14.22
C LEU A 163 18.00 -23.49 15.61
N ALA A 164 18.63 -24.56 16.08
CA ALA A 164 19.25 -24.54 17.40
C ALA A 164 20.26 -23.41 17.52
N ALA A 165 20.87 -23.04 16.40
CA ALA A 165 21.87 -21.98 16.37
C ALA A 165 21.30 -20.58 16.57
N ALA A 166 19.99 -20.43 16.37
CA ALA A 166 19.35 -19.13 16.54
C ALA A 166 19.49 -18.70 17.98
N LYS A 167 19.61 -17.40 18.21
CA LYS A 167 19.74 -16.88 19.57
C LYS A 167 18.68 -15.84 19.90
N LYS A 168 18.76 -15.31 21.12
CA LYS A 168 17.85 -14.30 21.65
C LYS A 168 17.67 -13.12 20.71
N GLY A 169 16.44 -12.85 20.30
CA GLY A 169 16.19 -11.73 19.42
C GLY A 169 16.22 -12.02 17.93
N ASP A 170 16.72 -13.18 17.52
CA ASP A 170 16.74 -13.53 16.11
C ASP A 170 15.31 -13.80 15.69
N MET A 171 15.05 -13.68 14.39
CA MET A 171 13.72 -13.90 13.84
C MET A 171 13.68 -15.16 12.99
N VAL A 172 12.83 -16.11 13.35
CA VAL A 172 12.71 -17.34 12.59
C VAL A 172 11.40 -17.24 11.79
N LEU A 173 11.52 -17.22 10.47
CA LEU A 173 10.35 -17.10 9.60
C LEU A 173 9.81 -18.49 9.26
N LEU A 174 8.53 -18.71 9.55
CA LEU A 174 7.87 -19.99 9.28
C LEU A 174 6.64 -19.81 8.40
N HIS A 175 6.37 -20.77 7.53
CA HIS A 175 5.17 -20.70 6.71
C HIS A 175 4.17 -21.46 7.58
N GLY A 176 3.03 -20.86 7.85
CA GLY A 176 2.05 -21.53 8.68
C GLY A 176 1.51 -22.81 8.08
N CYS A 177 1.39 -22.83 6.76
CA CYS A 177 0.88 -24.01 6.05
C CYS A 177 1.17 -23.87 4.56
N CYS A 178 0.91 -24.94 3.81
CA CYS A 178 1.10 -24.97 2.35
C CYS A 178 2.39 -24.28 1.94
N HIS A 179 3.51 -24.82 2.37
CA HIS A 179 4.81 -24.23 2.07
C HIS A 179 5.04 -23.93 0.60
N ASN A 180 5.18 -22.64 0.29
CA ASN A 180 5.45 -22.16 -1.07
C ASN A 180 6.96 -22.07 -1.08
N PRO A 181 7.64 -22.64 -2.10
CA PRO A 181 7.19 -23.40 -3.28
C PRO A 181 7.07 -24.92 -3.16
N THR A 182 7.83 -25.52 -2.24
CA THR A 182 7.88 -26.97 -2.06
C THR A 182 6.58 -27.76 -1.92
N GLY A 183 5.73 -27.36 -1.00
CA GLY A 183 4.48 -28.08 -0.78
C GLY A 183 4.59 -29.08 0.35
N ALA A 184 5.80 -29.22 0.90
CA ALA A 184 6.05 -30.15 2.00
C ALA A 184 5.78 -29.41 3.31
N ASN A 185 5.02 -30.03 4.22
CA ASN A 185 4.68 -29.37 5.48
C ASN A 185 5.00 -30.12 6.76
N LEU A 186 5.04 -29.36 7.86
CA LEU A 186 5.31 -29.89 9.20
C LEU A 186 4.03 -30.43 9.81
N THR A 187 4.15 -31.50 10.57
CA THR A 187 3.02 -32.08 11.24
C THR A 187 2.88 -31.37 12.59
N LEU A 188 1.72 -31.45 13.21
CA LEU A 188 1.48 -30.79 14.50
C LEU A 188 2.53 -31.21 15.54
N ASP A 189 3.00 -32.45 15.47
CA ASP A 189 4.02 -32.94 16.38
C ASP A 189 5.36 -32.27 16.10
N GLN A 190 5.61 -31.95 14.83
CA GLN A 190 6.84 -31.28 14.47
C GLN A 190 6.77 -29.81 14.90
N TRP A 191 5.58 -29.23 14.84
CA TRP A 191 5.38 -27.84 15.25
C TRP A 191 5.62 -27.71 16.76
N ALA A 192 5.17 -28.71 17.51
CA ALA A 192 5.33 -28.72 18.96
C ALA A 192 6.81 -28.73 19.32
N GLU A 193 7.60 -29.54 18.61
CA GLU A 193 9.04 -29.59 18.87
C GLU A 193 9.69 -28.25 18.52
N ILE A 194 9.33 -27.70 17.37
CA ILE A 194 9.86 -26.42 16.93
C ILE A 194 9.58 -25.39 18.02
N ALA A 195 8.40 -25.47 18.61
CA ALA A 195 7.99 -24.57 19.69
C ALA A 195 9.02 -24.64 20.81
N SER A 196 9.48 -25.86 21.12
CA SER A 196 10.47 -26.07 22.17
C SER A 196 11.82 -25.48 21.81
N ILE A 197 12.15 -25.48 20.52
CA ILE A 197 13.43 -24.91 20.08
C ILE A 197 13.32 -23.41 20.25
N LEU A 198 12.15 -22.85 19.91
CA LEU A 198 11.91 -21.41 20.01
C LEU A 198 11.89 -20.92 21.45
N GLU A 199 11.35 -21.72 22.36
CA GLU A 199 11.32 -21.34 23.77
C GLU A 199 12.74 -21.32 24.31
N LYS A 200 13.50 -22.35 23.95
CA LYS A 200 14.89 -22.51 24.37
C LYS A 200 15.80 -21.37 23.91
N THR A 201 15.82 -21.14 22.60
CA THR A 201 16.66 -20.11 22.01
C THR A 201 16.20 -18.67 22.23
N GLY A 202 14.92 -18.49 22.51
CA GLY A 202 14.42 -17.15 22.72
C GLY A 202 14.30 -16.35 21.43
N ALA A 203 14.14 -17.04 20.31
CA ALA A 203 14.01 -16.39 19.02
C ALA A 203 12.54 -16.03 18.80
N LEU A 204 12.29 -14.98 18.03
CA LEU A 204 10.93 -14.52 17.74
C LEU A 204 10.42 -15.16 16.45
N PRO A 205 9.28 -15.85 16.51
CA PRO A 205 8.76 -16.48 15.29
C PRO A 205 7.87 -15.54 14.48
N LEU A 206 8.09 -15.53 13.16
CA LEU A 206 7.29 -14.73 12.24
C LEU A 206 6.60 -15.73 11.33
N ILE A 207 5.28 -15.83 11.46
CA ILE A 207 4.52 -16.78 10.66
C ILE A 207 3.84 -16.17 9.44
N ASP A 208 4.22 -16.65 8.27
CA ASP A 208 3.66 -16.20 7.01
C ASP A 208 2.43 -17.08 6.74
N LEU A 209 1.24 -16.50 6.88
CA LEU A 209 0.01 -17.24 6.64
C LEU A 209 -0.70 -16.71 5.40
N ALA A 210 -0.38 -17.29 4.24
CA ALA A 210 -0.99 -16.85 2.99
C ALA A 210 -1.92 -17.87 2.32
N TYR A 211 -1.98 -19.10 2.84
CA TYR A 211 -2.80 -20.13 2.22
C TYR A 211 -3.72 -20.88 3.17
N GLN A 212 -4.23 -20.20 4.19
CA GLN A 212 -5.12 -20.84 5.14
C GLN A 212 -6.40 -21.20 4.42
N GLY A 213 -6.68 -22.49 4.32
CA GLY A 213 -7.87 -22.95 3.64
C GLY A 213 -7.57 -23.71 2.36
N PHE A 214 -6.29 -23.81 1.98
CA PHE A 214 -5.89 -24.51 0.77
C PHE A 214 -5.22 -25.85 1.09
N GLY A 215 -4.99 -26.11 2.36
CA GLY A 215 -4.35 -27.35 2.76
C GLY A 215 -5.36 -28.42 3.15
N ASP A 216 -5.63 -28.52 4.44
CA ASP A 216 -6.58 -29.50 4.96
C ASP A 216 -7.89 -28.87 5.42
N GLY A 217 -7.91 -27.54 5.48
CA GLY A 217 -9.11 -26.82 5.91
C GLY A 217 -8.71 -25.57 6.67
N LEU A 218 -9.64 -24.63 6.84
CA LEU A 218 -9.36 -23.39 7.55
C LEU A 218 -8.82 -23.57 8.96
N GLU A 219 -9.51 -24.39 9.77
CA GLU A 219 -9.08 -24.65 11.14
C GLU A 219 -7.77 -25.44 11.15
N GLU A 220 -7.74 -26.51 10.38
CA GLU A 220 -6.57 -27.39 10.27
C GLU A 220 -5.28 -26.64 9.93
N ASP A 221 -5.35 -25.78 8.93
CA ASP A 221 -4.18 -25.01 8.48
C ASP A 221 -3.69 -23.96 9.48
N ALA A 222 -4.54 -23.61 10.45
CA ALA A 222 -4.17 -22.62 11.46
C ALA A 222 -3.69 -23.30 12.76
N ALA A 223 -3.73 -24.63 12.78
CA ALA A 223 -3.32 -25.42 13.92
C ALA A 223 -1.92 -25.09 14.41
N GLY A 224 -0.97 -25.06 13.48
CA GLY A 224 0.41 -24.75 13.82
C GLY A 224 0.57 -23.35 14.37
N THR A 225 -0.02 -22.38 13.68
CA THR A 225 0.05 -21.00 14.11
C THR A 225 -0.45 -20.91 15.54
N ARG A 226 -1.55 -21.61 15.82
CA ARG A 226 -2.16 -21.62 17.16
C ARG A 226 -1.30 -22.30 18.21
N LEU A 227 -0.58 -23.36 17.83
CA LEU A 227 0.28 -24.05 18.79
C LEU A 227 1.37 -23.10 19.24
N ILE A 228 1.96 -22.38 18.28
CA ILE A 228 3.01 -21.42 18.55
C ILE A 228 2.47 -20.27 19.42
N ALA A 229 1.35 -19.69 18.98
CA ALA A 229 0.71 -18.58 19.69
C ALA A 229 0.40 -18.90 21.14
N SER A 230 0.19 -20.18 21.44
CA SER A 230 -0.12 -20.64 22.79
C SER A 230 1.08 -20.80 23.71
N ARG A 231 2.22 -21.14 23.13
CA ARG A 231 3.42 -21.39 23.93
C ARG A 231 4.47 -20.28 23.91
N ILE A 232 4.50 -19.51 22.82
CA ILE A 232 5.48 -18.44 22.68
C ILE A 232 4.81 -17.11 23.00
N PRO A 233 5.37 -16.35 23.97
CA PRO A 233 4.88 -15.05 24.44
C PRO A 233 4.72 -13.99 23.33
N GLU A 234 5.76 -13.81 22.52
CA GLU A 234 5.72 -12.83 21.43
C GLU A 234 5.74 -13.56 20.10
N VAL A 235 4.73 -13.33 19.27
CA VAL A 235 4.62 -13.96 17.95
C VAL A 235 4.13 -12.95 16.93
N LEU A 236 4.72 -12.98 15.74
CA LEU A 236 4.33 -12.09 14.65
C LEU A 236 3.71 -12.91 13.51
N ILE A 237 2.54 -12.49 13.05
CA ILE A 237 1.85 -13.19 11.97
C ILE A 237 1.54 -12.26 10.80
N ALA A 238 1.84 -12.71 9.59
CA ALA A 238 1.58 -11.92 8.39
C ALA A 238 0.54 -12.68 7.54
N ALA A 239 -0.71 -12.27 7.64
CA ALA A 239 -1.78 -12.92 6.91
C ALA A 239 -2.09 -12.25 5.58
N SER A 240 -2.53 -13.05 4.62
CA SER A 240 -2.91 -12.57 3.31
C SER A 240 -4.32 -13.05 3.01
N CYS A 241 -5.09 -12.21 2.33
CA CYS A 241 -6.45 -12.56 1.94
C CYS A 241 -6.53 -12.66 0.43
N SER A 242 -5.37 -12.55 -0.22
CA SER A 242 -5.27 -12.61 -1.67
C SER A 242 -5.78 -13.91 -2.27
N LYS A 243 -5.29 -15.03 -1.75
CA LYS A 243 -5.69 -16.33 -2.26
C LYS A 243 -6.97 -16.90 -1.68
N ASN A 244 -7.01 -17.15 -0.36
CA ASN A 244 -8.22 -17.71 0.24
C ASN A 244 -9.49 -16.89 0.06
N PHE A 245 -9.35 -15.64 -0.38
CA PHE A 245 -10.51 -14.80 -0.65
C PHE A 245 -10.55 -14.45 -2.14
N GLY A 246 -9.49 -14.79 -2.87
CA GLY A 246 -9.43 -14.53 -4.29
C GLY A 246 -9.52 -13.05 -4.64
N ILE A 247 -8.89 -12.20 -3.84
CA ILE A 247 -8.89 -10.76 -4.07
C ILE A 247 -7.45 -10.24 -4.17
N TYR A 248 -6.63 -10.99 -4.91
CA TYR A 248 -5.22 -10.66 -5.13
C TYR A 248 -4.94 -9.16 -5.28
N ARG A 249 -5.46 -8.56 -6.34
CA ARG A 249 -5.24 -7.15 -6.65
C ARG A 249 -5.78 -6.12 -5.67
N GLU A 250 -6.66 -6.53 -4.76
CA GLU A 250 -7.22 -5.58 -3.80
C GLU A 250 -6.19 -5.16 -2.75
N ARG A 251 -5.19 -6.01 -2.56
CA ARG A 251 -4.08 -5.79 -1.62
C ARG A 251 -4.57 -5.76 -0.18
N THR A 252 -5.09 -6.89 0.28
CA THR A 252 -5.60 -7.05 1.64
C THR A 252 -4.80 -8.06 2.45
N GLY A 253 -4.35 -7.63 3.62
CA GLY A 253 -3.60 -8.50 4.51
C GLY A 253 -3.52 -7.84 5.86
N CYS A 254 -2.86 -8.47 6.83
CA CYS A 254 -2.71 -7.85 8.14
C CYS A 254 -1.59 -8.45 8.97
N LEU A 255 -0.98 -7.60 9.80
CA LEU A 255 0.10 -8.01 10.67
C LEU A 255 -0.47 -8.13 12.07
N LEU A 256 -0.27 -9.29 12.68
CA LEU A 256 -0.73 -9.57 14.04
C LEU A 256 0.47 -9.68 14.96
N ALA A 257 0.45 -8.90 16.04
CA ALA A 257 1.54 -8.93 17.00
C ALA A 257 1.03 -9.41 18.36
N LEU A 258 1.44 -10.63 18.72
CA LEU A 258 1.05 -11.22 19.99
C LEU A 258 2.13 -10.83 20.99
N CYS A 259 1.71 -10.15 22.06
CA CYS A 259 2.62 -9.66 23.09
C CYS A 259 2.41 -10.35 24.44
N ALA A 260 3.44 -10.31 25.27
CA ALA A 260 3.40 -10.92 26.61
C ALA A 260 2.48 -10.18 27.59
N ASP A 261 2.31 -8.87 27.40
CA ASP A 261 1.44 -8.11 28.28
C ASP A 261 0.81 -6.91 27.60
N ALA A 262 -0.19 -6.33 28.23
CA ALA A 262 -0.91 -5.17 27.69
C ALA A 262 -0.04 -3.94 27.40
N ALA A 263 0.80 -3.55 28.35
CA ALA A 263 1.68 -2.40 28.16
C ALA A 263 2.47 -2.55 26.87
N THR A 264 2.99 -3.75 26.64
CA THR A 264 3.76 -4.06 25.44
C THR A 264 2.85 -4.00 24.22
N ARG A 265 1.64 -4.52 24.36
CA ARG A 265 0.69 -4.52 23.26
C ARG A 265 0.39 -3.10 22.78
N GLU A 266 0.22 -2.17 23.70
CA GLU A 266 -0.06 -0.78 23.36
C GLU A 266 1.16 -0.16 22.71
N LEU A 267 2.33 -0.60 23.15
CA LEU A 267 3.58 -0.12 22.61
C LEU A 267 3.74 -0.63 21.18
N ALA A 268 3.29 -1.87 20.94
CA ALA A 268 3.38 -2.47 19.61
C ALA A 268 2.35 -1.87 18.65
N GLN A 269 1.13 -1.65 19.14
CA GLN A 269 0.08 -1.09 18.32
C GLN A 269 0.45 0.33 17.88
N GLY A 270 1.01 1.10 18.80
CA GLY A 270 1.41 2.46 18.49
C GLY A 270 2.51 2.47 17.44
N ALA A 271 3.48 1.58 17.60
CA ALA A 271 4.60 1.46 16.65
C ALA A 271 4.13 1.04 15.26
N MET A 272 3.14 0.15 15.22
CA MET A 272 2.59 -0.34 13.97
C MET A 272 1.87 0.79 13.22
N ALA A 273 1.03 1.54 13.92
CA ALA A 273 0.29 2.65 13.31
C ALA A 273 1.29 3.68 12.77
N PHE A 274 2.40 3.84 13.48
CA PHE A 274 3.46 4.75 13.09
C PHE A 274 4.03 4.29 11.74
N LEU A 275 4.24 2.98 11.61
CA LEU A 275 4.78 2.39 10.38
C LEU A 275 3.91 2.65 9.15
N ASN A 276 2.60 2.51 9.29
CA ASN A 276 1.68 2.76 8.18
C ASN A 276 1.75 4.23 7.80
N ARG A 277 1.59 5.09 8.81
CA ARG A 277 1.63 6.53 8.63
C ARG A 277 2.85 7.03 7.85
N GLN A 278 4.03 6.53 8.20
CA GLN A 278 5.27 6.94 7.54
C GLN A 278 5.50 6.33 6.17
N THR A 279 4.73 5.32 5.82
CA THR A 279 4.90 4.66 4.54
C THR A 279 3.89 5.09 3.48
N TYR A 280 2.62 5.02 3.82
CA TYR A 280 1.55 5.38 2.88
C TYR A 280 0.30 5.91 3.60
N SER A 281 0.47 6.20 4.88
CA SER A 281 -0.62 6.70 5.71
C SER A 281 -1.67 5.62 5.96
N PHE A 282 -2.91 5.84 5.52
CA PHE A 282 -3.97 4.87 5.75
C PHE A 282 -3.87 3.69 4.79
N PRO A 283 -4.31 2.50 5.21
CA PRO A 283 -4.24 1.33 4.34
C PRO A 283 -5.49 1.24 3.46
N PRO A 284 -5.40 0.50 2.33
CA PRO A 284 -6.52 0.32 1.39
C PRO A 284 -7.75 -0.29 2.05
N PHE A 285 -8.87 0.42 1.93
CA PHE A 285 -10.13 0.01 2.52
C PHE A 285 -10.91 -1.09 1.80
N HIS A 286 -11.09 -0.96 0.49
CA HIS A 286 -11.90 -1.91 -0.26
C HIS A 286 -11.84 -3.41 0.07
N GLY A 287 -10.69 -4.04 -0.15
CA GLY A 287 -10.57 -5.46 0.12
C GLY A 287 -10.87 -5.80 1.56
N ALA A 288 -10.33 -5.02 2.48
CA ALA A 288 -10.53 -5.24 3.90
C ALA A 288 -12.00 -5.19 4.27
N LYS A 289 -12.79 -4.47 3.48
CA LYS A 289 -14.24 -4.37 3.73
C LYS A 289 -14.96 -5.55 3.09
N ILE A 290 -14.43 -6.09 2.01
CA ILE A 290 -15.05 -7.25 1.39
C ILE A 290 -14.90 -8.39 2.41
N VAL A 291 -13.70 -8.54 2.95
CA VAL A 291 -13.38 -9.58 3.92
C VAL A 291 -14.23 -9.54 5.20
N SER A 292 -14.28 -8.38 5.87
CA SER A 292 -15.05 -8.25 7.10
C SER A 292 -16.56 -8.42 6.89
N THR A 293 -17.04 -8.11 5.69
CA THR A 293 -18.46 -8.26 5.36
C THR A 293 -18.79 -9.75 5.22
N VAL A 294 -17.87 -10.51 4.62
CA VAL A 294 -18.07 -11.94 4.44
C VAL A 294 -18.04 -12.63 5.80
N LEU A 295 -16.99 -12.34 6.58
CA LEU A 295 -16.81 -12.94 7.89
C LEU A 295 -17.87 -12.60 8.93
N THR A 296 -18.49 -11.43 8.83
CA THR A 296 -19.52 -11.06 9.79
C THR A 296 -20.92 -11.44 9.36
N THR A 297 -21.13 -11.62 8.06
CA THR A 297 -22.44 -11.99 7.55
C THR A 297 -22.54 -13.50 7.35
N PRO A 298 -23.23 -14.19 8.27
CA PRO A 298 -23.43 -15.64 8.27
C PRO A 298 -23.72 -16.25 6.89
N GLU A 299 -24.64 -15.64 6.15
CA GLU A 299 -24.99 -16.14 4.82
C GLU A 299 -23.78 -16.14 3.91
N LEU A 300 -23.02 -15.04 3.97
CA LEU A 300 -21.82 -14.88 3.15
C LEU A 300 -20.67 -15.77 3.61
N ARG A 301 -20.46 -15.83 4.92
CA ARG A 301 -19.39 -16.65 5.50
C ARG A 301 -19.57 -18.11 5.14
N ALA A 302 -20.83 -18.55 5.16
CA ALA A 302 -21.19 -19.92 4.84
C ALA A 302 -20.88 -20.25 3.38
N ASP A 303 -21.27 -19.36 2.49
CA ASP A 303 -21.03 -19.57 1.06
C ASP A 303 -19.55 -19.47 0.69
N TRP A 304 -18.81 -18.66 1.46
CA TRP A 304 -17.37 -18.50 1.22
C TRP A 304 -16.66 -19.79 1.63
N MET A 305 -16.94 -20.28 2.84
CA MET A 305 -16.31 -21.50 3.33
C MET A 305 -16.64 -22.66 2.40
N ALA A 306 -17.86 -22.67 1.89
CA ALA A 306 -18.30 -23.72 0.97
C ALA A 306 -17.47 -23.68 -0.31
N GLU A 307 -17.32 -22.49 -0.88
CA GLU A 307 -16.56 -22.36 -2.10
C GLU A 307 -15.09 -22.69 -1.93
N LEU A 308 -14.47 -22.20 -0.87
CA LEU A 308 -13.07 -22.49 -0.61
C LEU A 308 -12.87 -23.99 -0.48
N GLU A 309 -13.74 -24.66 0.29
CA GLU A 309 -13.62 -26.11 0.48
C GLU A 309 -13.72 -26.86 -0.84
N ALA A 310 -14.51 -26.31 -1.77
CA ALA A 310 -14.66 -26.88 -3.11
C ALA A 310 -13.28 -26.80 -3.77
N VAL A 311 -12.66 -25.63 -3.68
CA VAL A 311 -11.33 -25.41 -4.26
C VAL A 311 -10.32 -26.41 -3.69
N ARG A 312 -10.26 -26.50 -2.36
CA ARG A 312 -9.35 -27.39 -1.65
C ARG A 312 -9.51 -28.84 -2.10
N SER A 313 -10.75 -29.34 -2.08
CA SER A 313 -11.04 -30.71 -2.50
C SER A 313 -10.69 -30.96 -3.95
N GLY A 314 -10.93 -29.96 -4.79
CA GLY A 314 -10.63 -30.07 -6.21
C GLY A 314 -9.15 -30.31 -6.39
N MET A 315 -8.33 -29.48 -5.75
CA MET A 315 -6.89 -29.60 -5.87
C MET A 315 -6.39 -30.93 -5.30
N LEU A 316 -7.04 -31.40 -4.24
CA LEU A 316 -6.67 -32.66 -3.60
C LEU A 316 -6.89 -33.84 -4.53
N ARG A 317 -8.06 -33.89 -5.16
CA ARG A 317 -8.38 -34.98 -6.07
C ARG A 317 -7.35 -34.98 -7.19
N LEU A 318 -6.94 -33.79 -7.61
CA LEU A 318 -5.96 -33.62 -8.67
C LEU A 318 -4.62 -34.22 -8.26
N ARG A 319 -4.22 -34.02 -7.01
CA ARG A 319 -2.97 -34.57 -6.50
C ARG A 319 -3.04 -36.09 -6.53
N GLU A 320 -4.15 -36.61 -6.00
CA GLU A 320 -4.37 -38.05 -5.96
C GLU A 320 -4.27 -38.63 -7.37
N GLN A 321 -4.95 -37.99 -8.32
CA GLN A 321 -4.93 -38.44 -9.71
C GLN A 321 -3.51 -38.49 -10.27
N LEU A 322 -2.82 -37.36 -10.23
CA LEU A 322 -1.46 -37.25 -10.72
C LEU A 322 -0.58 -38.38 -10.15
N ALA A 323 -0.61 -38.52 -8.82
CA ALA A 323 0.15 -39.55 -8.14
C ALA A 323 -0.24 -40.93 -8.62
N GLY A 324 -1.53 -41.14 -8.85
CA GLY A 324 -2.03 -42.42 -9.30
C GLY A 324 -1.44 -42.78 -10.65
N GLU A 325 -1.51 -41.83 -11.58
CA GLU A 325 -0.99 -42.01 -12.93
C GLU A 325 0.50 -42.35 -12.82
N LEU A 326 1.20 -41.62 -11.95
CA LEU A 326 2.62 -41.82 -11.75
C LEU A 326 2.96 -43.20 -11.20
N ARG A 327 2.03 -43.78 -10.44
CA ARG A 327 2.21 -45.12 -9.86
C ARG A 327 2.14 -46.16 -10.97
N ASP A 328 1.24 -45.96 -11.92
CA ASP A 328 1.09 -46.87 -13.05
C ASP A 328 2.30 -46.78 -13.97
N LEU A 329 2.66 -45.56 -14.33
CA LEU A 329 3.80 -45.31 -15.23
C LEU A 329 5.17 -45.74 -14.69
N SER A 330 5.34 -45.77 -13.38
CA SER A 330 6.63 -46.15 -12.82
C SER A 330 6.63 -47.46 -12.05
N GLY A 331 5.46 -47.89 -11.60
CA GLY A 331 5.33 -49.12 -10.85
C GLY A 331 6.05 -49.04 -9.51
N SER A 332 6.18 -47.83 -8.97
CA SER A 332 6.86 -47.64 -7.70
C SER A 332 6.18 -46.63 -6.78
N ASP A 333 6.74 -46.51 -5.57
CA ASP A 333 6.23 -45.60 -4.56
C ASP A 333 6.65 -44.16 -4.84
N ARG A 334 7.93 -44.00 -5.22
CA ARG A 334 8.58 -42.72 -5.52
C ARG A 334 7.78 -41.41 -5.52
N PHE A 335 6.81 -41.29 -6.41
CA PHE A 335 6.03 -40.06 -6.51
C PHE A 335 4.80 -39.93 -5.60
N GLY A 336 4.75 -40.74 -4.55
CA GLY A 336 3.62 -40.69 -3.64
C GLY A 336 3.53 -39.36 -2.90
N PHE A 337 4.65 -38.66 -2.80
CA PHE A 337 4.69 -37.38 -2.11
C PHE A 337 3.73 -36.37 -2.73
N VAL A 338 3.42 -36.52 -4.01
CA VAL A 338 2.51 -35.59 -4.70
C VAL A 338 1.17 -35.52 -3.98
N ALA A 339 0.73 -36.66 -3.44
CA ALA A 339 -0.54 -36.74 -2.73
C ALA A 339 -0.38 -36.37 -1.26
N GLU A 340 0.86 -36.33 -0.79
CA GLU A 340 1.14 -35.99 0.59
C GLU A 340 1.30 -34.47 0.75
N HIS A 341 1.79 -33.82 -0.30
CA HIS A 341 1.97 -32.37 -0.26
C HIS A 341 0.65 -31.64 -0.09
N ARG A 342 0.71 -30.42 0.41
CA ARG A 342 -0.49 -29.61 0.61
C ARG A 342 -0.21 -28.21 0.08
N GLY A 343 -1.24 -27.60 -0.51
CA GLY A 343 -1.12 -26.28 -1.10
C GLY A 343 -1.34 -26.43 -2.59
N MET A 344 -1.15 -25.36 -3.35
CA MET A 344 -1.35 -25.46 -4.79
C MET A 344 -0.04 -25.59 -5.55
N PHE A 345 1.05 -25.69 -4.81
CA PHE A 345 2.37 -25.82 -5.42
C PHE A 345 3.04 -27.09 -4.92
N SER A 346 3.98 -27.58 -5.72
CA SER A 346 4.74 -28.79 -5.39
C SER A 346 6.03 -28.75 -6.16
N ARG A 347 7.12 -29.14 -5.51
CA ARG A 347 8.41 -29.20 -6.16
C ARG A 347 8.62 -30.66 -6.54
N LEU A 348 8.76 -30.92 -7.83
CA LEU A 348 8.97 -32.28 -8.33
C LEU A 348 10.34 -32.83 -7.97
N GLY A 349 11.29 -31.93 -7.70
CA GLY A 349 12.64 -32.36 -7.38
C GLY A 349 13.40 -32.69 -8.64
N ALA A 350 13.07 -31.98 -9.72
CA ALA A 350 13.74 -32.17 -11.00
C ALA A 350 14.84 -31.12 -11.08
N THR A 351 15.90 -31.43 -11.82
CA THR A 351 17.00 -30.49 -11.96
C THR A 351 16.70 -29.53 -13.11
N PRO A 352 17.39 -28.37 -13.15
CA PRO A 352 17.16 -27.41 -14.25
C PRO A 352 17.23 -28.05 -15.63
N GLU A 353 18.18 -28.97 -15.82
CA GLU A 353 18.34 -29.66 -17.10
C GLU A 353 17.07 -30.45 -17.40
N GLN A 354 16.57 -31.16 -16.39
CA GLN A 354 15.35 -31.95 -16.54
C GLN A 354 14.16 -31.05 -16.82
N VAL A 355 14.16 -29.87 -16.20
CA VAL A 355 13.08 -28.92 -16.40
C VAL A 355 13.13 -28.44 -17.86
N LYS A 356 14.34 -28.19 -18.36
CA LYS A 356 14.49 -27.75 -19.75
C LYS A 356 14.06 -28.85 -20.71
N ARG A 357 14.52 -30.07 -20.48
CA ARG A 357 14.18 -31.25 -21.29
C ARG A 357 12.67 -31.37 -21.44
N ILE A 358 11.97 -31.27 -20.31
CA ILE A 358 10.51 -31.37 -20.29
C ILE A 358 9.86 -30.33 -21.19
N LYS A 359 10.32 -29.08 -21.08
CA LYS A 359 9.77 -27.98 -21.87
C LYS A 359 9.99 -28.19 -23.38
N GLU A 360 11.23 -28.48 -23.76
CA GLU A 360 11.57 -28.69 -25.16
C GLU A 360 10.96 -29.94 -25.78
N GLU A 361 10.83 -31.02 -25.01
CA GLU A 361 10.28 -32.27 -25.52
C GLU A 361 8.78 -32.44 -25.35
N PHE A 362 8.22 -31.83 -24.30
CA PHE A 362 6.80 -31.98 -24.02
C PHE A 362 5.98 -30.70 -24.03
N GLY A 363 6.65 -29.56 -24.20
CA GLY A 363 5.95 -28.29 -24.23
C GLY A 363 5.31 -27.87 -22.91
N ILE A 364 5.74 -28.50 -21.83
CA ILE A 364 5.21 -28.18 -20.51
C ILE A 364 6.14 -27.19 -19.84
N TYR A 365 5.57 -26.11 -19.33
CA TYR A 365 6.35 -25.08 -18.67
C TYR A 365 6.10 -25.06 -17.17
N MET A 366 7.18 -24.90 -16.41
CA MET A 366 7.11 -24.84 -14.95
C MET A 366 8.26 -23.97 -14.49
N VAL A 367 8.23 -23.53 -13.23
CA VAL A 367 9.29 -22.69 -12.71
C VAL A 367 10.59 -23.50 -12.76
N GLY A 368 11.71 -22.81 -12.92
CA GLY A 368 13.02 -23.47 -13.00
C GLY A 368 13.39 -24.42 -11.88
N ASP A 369 12.86 -24.19 -10.69
CA ASP A 369 13.12 -25.05 -9.53
C ASP A 369 12.16 -26.25 -9.50
N SER A 370 11.51 -26.52 -10.63
CA SER A 370 10.54 -27.61 -10.79
C SER A 370 9.25 -27.45 -9.98
N ARG A 371 8.90 -26.20 -9.67
CA ARG A 371 7.68 -25.90 -8.93
C ARG A 371 6.53 -25.90 -9.91
N ILE A 372 5.46 -26.62 -9.57
CA ILE A 372 4.29 -26.69 -10.44
C ILE A 372 3.06 -26.21 -9.71
N ASN A 373 2.07 -25.73 -10.46
CA ASN A 373 0.80 -25.30 -9.87
C ASN A 373 -0.20 -26.41 -10.16
N ILE A 374 -0.64 -27.07 -9.08
CA ILE A 374 -1.60 -28.17 -9.15
C ILE A 374 -2.88 -27.73 -9.85
N ALA A 375 -3.33 -26.51 -9.58
CA ALA A 375 -4.53 -25.97 -10.17
C ALA A 375 -4.47 -25.95 -11.69
N GLY A 376 -3.27 -25.93 -12.24
CA GLY A 376 -3.09 -25.91 -13.68
C GLY A 376 -3.33 -27.25 -14.34
N LEU A 377 -3.33 -28.30 -13.54
CA LEU A 377 -3.53 -29.65 -14.07
C LEU A 377 -5.01 -29.90 -14.34
N ASN A 378 -5.30 -31.00 -15.01
CA ASN A 378 -6.66 -31.41 -15.33
C ASN A 378 -6.64 -32.80 -15.93
N ASP A 379 -7.83 -33.36 -16.10
CA ASP A 379 -8.00 -34.70 -16.64
C ASP A 379 -7.26 -34.95 -17.96
N ASN A 380 -7.02 -33.89 -18.71
CA ASN A 380 -6.32 -33.99 -19.99
C ASN A 380 -4.81 -33.80 -19.88
N THR A 381 -4.39 -32.86 -19.04
CA THR A 381 -2.96 -32.56 -18.87
C THR A 381 -2.15 -33.52 -18.02
N ILE A 382 -2.77 -34.07 -16.97
CA ILE A 382 -2.09 -35.00 -16.06
C ILE A 382 -1.37 -36.14 -16.80
N PRO A 383 -2.04 -36.80 -17.77
CA PRO A 383 -1.42 -37.90 -18.51
C PRO A 383 -0.09 -37.47 -19.14
N ILE A 384 -0.09 -36.26 -19.70
CA ILE A 384 1.07 -35.68 -20.36
C ILE A 384 2.18 -35.34 -19.37
N LEU A 385 1.82 -34.72 -18.26
CA LEU A 385 2.79 -34.37 -17.24
C LEU A 385 3.47 -35.62 -16.71
N ALA A 386 2.66 -36.59 -16.29
CA ALA A 386 3.14 -37.85 -15.73
C ALA A 386 4.14 -38.53 -16.65
N ARG A 387 3.78 -38.67 -17.92
CA ARG A 387 4.64 -39.31 -18.90
C ARG A 387 5.96 -38.53 -19.03
N ALA A 388 5.87 -37.21 -19.09
CA ALA A 388 7.05 -36.36 -19.20
C ALA A 388 8.03 -36.60 -18.06
N ILE A 389 7.52 -36.60 -16.84
CA ILE A 389 8.32 -36.81 -15.63
C ILE A 389 9.14 -38.09 -15.75
N ILE A 390 8.45 -39.19 -16.04
CA ILE A 390 9.08 -40.50 -16.17
C ILE A 390 10.10 -40.50 -17.31
N GLU A 391 9.69 -39.99 -18.46
CA GLU A 391 10.54 -39.96 -19.65
C GLU A 391 11.88 -39.26 -19.47
N VAL A 392 11.87 -38.12 -18.79
CA VAL A 392 13.07 -37.32 -18.58
C VAL A 392 13.98 -37.89 -17.47
N GLY A 393 13.53 -38.95 -16.83
CA GLY A 393 14.32 -39.59 -15.80
C GLY A 393 14.32 -38.94 -14.44
N VAL A 394 13.14 -38.52 -13.99
CA VAL A 394 13.00 -37.90 -12.68
C VAL A 394 12.73 -39.05 -11.69
N MET B 1 11.30 -8.92 23.03
CA MET B 1 11.86 -8.00 21.99
C MET B 1 11.01 -6.74 21.87
N LEU B 2 9.74 -6.91 21.49
CA LEU B 2 8.81 -5.79 21.31
C LEU B 2 8.69 -4.86 22.51
N GLY B 3 9.14 -5.31 23.68
CA GLY B 3 9.08 -4.49 24.87
C GLY B 3 10.09 -3.35 24.84
N ASN B 4 10.97 -3.37 23.85
CA ASN B 4 11.98 -2.34 23.69
C ASN B 4 11.48 -1.22 22.79
N LEU B 5 10.22 -1.31 22.37
CA LEU B 5 9.63 -0.29 21.50
C LEU B 5 9.58 1.07 22.18
N LYS B 6 10.25 2.04 21.58
CA LYS B 6 10.27 3.40 22.10
C LYS B 6 8.95 4.04 21.65
N PRO B 7 8.19 4.63 22.58
CA PRO B 7 6.90 5.26 22.23
C PRO B 7 7.05 6.36 21.19
N GLN B 8 6.26 6.28 20.12
CA GLN B 8 6.31 7.24 19.04
C GLN B 8 5.23 8.33 19.12
N ALA B 9 5.64 9.56 18.76
CA ALA B 9 4.72 10.72 18.77
C ALA B 9 3.62 10.65 17.71
N PRO B 10 2.38 11.00 18.09
CA PRO B 10 1.19 11.01 17.24
C PRO B 10 1.00 12.19 16.29
N ASP B 11 0.08 12.03 15.34
CA ASP B 11 -0.22 13.04 14.33
C ASP B 11 -1.28 14.01 14.88
N LYS B 12 -0.81 15.18 15.33
CA LYS B 12 -1.65 16.23 15.89
C LYS B 12 -2.97 16.51 15.16
N ILE B 13 -2.90 16.69 13.84
CA ILE B 13 -4.10 16.96 13.04
C ILE B 13 -5.14 15.85 13.19
N LEU B 14 -4.70 14.60 13.16
CA LEU B 14 -5.59 13.46 13.31
C LEU B 14 -5.89 13.21 14.78
N ALA B 15 -5.04 13.74 15.66
CA ALA B 15 -5.20 13.60 17.10
C ALA B 15 -6.46 14.35 17.51
N LEU B 16 -6.59 15.59 17.03
CA LEU B 16 -7.76 16.41 17.33
C LEU B 16 -9.02 15.67 16.89
N MET B 17 -8.91 14.97 15.77
CA MET B 17 -10.00 14.18 15.20
C MET B 17 -10.57 13.21 16.24
N GLY B 18 -9.69 12.63 17.05
CA GLY B 18 -10.11 11.70 18.09
C GLY B 18 -10.67 12.45 19.29
N GLU B 19 -10.08 13.60 19.60
CA GLU B 19 -10.52 14.42 20.72
C GLU B 19 -11.88 15.05 20.45
N PHE B 20 -12.20 15.25 19.17
CA PHE B 20 -13.46 15.86 18.78
C PHE B 20 -14.64 14.96 19.17
N GLY B 27 -22.21 23.40 19.71
CA GLY B 27 -21.20 24.36 19.35
C GLY B 27 -19.89 23.69 19.02
N LYS B 28 -19.91 22.36 19.04
CA LYS B 28 -18.74 21.55 18.73
C LYS B 28 -18.52 21.59 17.21
N ILE B 29 -17.86 22.65 16.74
CA ILE B 29 -17.62 22.83 15.31
C ILE B 29 -16.24 22.36 14.83
N ASP B 30 -16.26 21.34 13.98
CA ASP B 30 -15.04 20.77 13.43
C ASP B 30 -14.49 21.63 12.30
N LEU B 31 -13.22 22.02 12.42
CA LEU B 31 -12.55 22.84 11.42
C LEU B 31 -11.11 22.35 11.27
N GLY B 32 -10.90 21.04 11.35
CA GLY B 32 -9.56 20.50 11.26
C GLY B 32 -9.18 19.71 10.02
N VAL B 33 -9.29 18.39 10.10
CA VAL B 33 -8.92 17.47 9.01
C VAL B 33 -9.27 18.00 7.63
N GLY B 34 -8.30 17.89 6.73
CA GLY B 34 -8.44 18.38 5.37
C GLY B 34 -9.33 17.64 4.43
N VAL B 35 -10.50 17.23 4.91
CA VAL B 35 -11.45 16.52 4.08
C VAL B 35 -12.47 17.55 3.64
N TYR B 36 -13.17 17.30 2.54
CA TYR B 36 -14.19 18.23 2.11
C TYR B 36 -15.48 17.79 2.79
N LYS B 37 -16.35 18.75 3.10
CA LYS B 37 -17.62 18.48 3.74
C LYS B 37 -18.66 19.39 3.09
N ASP B 38 -19.87 18.88 2.90
CA ASP B 38 -20.92 19.70 2.31
C ASP B 38 -21.67 20.49 3.39
N ALA B 39 -22.59 21.35 2.95
CA ALA B 39 -23.38 22.19 3.84
C ALA B 39 -23.92 21.48 5.08
N THR B 40 -24.14 20.16 4.97
CA THR B 40 -24.66 19.37 6.08
C THR B 40 -23.58 18.51 6.74
N GLY B 41 -22.35 19.02 6.75
CA GLY B 41 -21.26 18.29 7.37
C GLY B 41 -21.01 16.87 6.91
N HIS B 42 -21.17 16.61 5.63
CA HIS B 42 -20.94 15.26 5.11
C HIS B 42 -19.93 15.28 3.97
N THR B 43 -19.12 14.22 3.89
CA THR B 43 -18.15 14.06 2.82
C THR B 43 -18.85 13.05 1.92
N PRO B 44 -19.64 13.53 0.95
CA PRO B 44 -20.37 12.64 0.04
C PRO B 44 -19.48 11.92 -0.97
N ILE B 45 -20.03 10.89 -1.59
CA ILE B 45 -19.30 10.17 -2.62
C ILE B 45 -19.68 10.93 -3.89
N MET B 46 -18.72 11.15 -4.77
CA MET B 46 -18.99 11.86 -6.00
C MET B 46 -19.86 11.01 -6.92
N ARG B 47 -20.77 11.65 -7.65
CA ARG B 47 -21.66 10.96 -8.56
C ARG B 47 -20.93 10.02 -9.53
N ALA B 48 -19.99 10.57 -10.31
CA ALA B 48 -19.22 9.81 -11.27
C ALA B 48 -18.54 8.60 -10.62
N VAL B 49 -17.96 8.81 -9.45
CA VAL B 49 -17.29 7.73 -8.75
C VAL B 49 -18.25 6.59 -8.46
N HIS B 50 -19.46 6.95 -8.00
CA HIS B 50 -20.48 5.97 -7.70
C HIS B 50 -20.92 5.16 -8.92
N ALA B 51 -21.00 5.84 -10.06
CA ALA B 51 -21.39 5.20 -11.31
C ALA B 51 -20.22 4.35 -11.78
N ALA B 52 -19.01 4.79 -11.50
CA ALA B 52 -17.82 4.06 -11.89
C ALA B 52 -17.78 2.71 -11.17
N GLU B 53 -18.02 2.73 -9.85
CA GLU B 53 -18.04 1.50 -9.08
C GLU B 53 -19.13 0.57 -9.58
N GLN B 54 -20.31 1.12 -9.85
CA GLN B 54 -21.44 0.35 -10.36
C GLN B 54 -21.07 -0.37 -11.65
N ARG B 55 -20.43 0.35 -12.56
CA ARG B 55 -20.03 -0.23 -13.83
C ARG B 55 -18.98 -1.31 -13.59
N MET B 56 -18.02 -1.02 -12.71
CA MET B 56 -16.96 -1.96 -12.40
C MET B 56 -17.51 -3.26 -11.85
N LEU B 57 -18.56 -3.17 -11.05
CA LEU B 57 -19.19 -4.34 -10.46
C LEU B 57 -19.73 -5.28 -11.54
N GLU B 58 -20.06 -4.72 -12.70
CA GLU B 58 -20.60 -5.52 -13.79
C GLU B 58 -19.57 -5.99 -14.80
N THR B 59 -18.53 -5.19 -15.03
CA THR B 59 -17.53 -5.55 -16.00
C THR B 59 -16.37 -6.42 -15.51
N GLU B 60 -15.95 -6.24 -14.27
CA GLU B 60 -14.83 -7.01 -13.74
C GLU B 60 -15.14 -8.49 -13.55
N THR B 61 -14.35 -9.34 -14.20
CA THR B 61 -14.54 -10.78 -14.13
C THR B 61 -13.42 -11.52 -13.35
N THR B 62 -12.35 -10.81 -12.97
CA THR B 62 -11.23 -11.40 -12.22
C THR B 62 -10.51 -10.40 -11.33
N LYS B 63 -9.90 -10.89 -10.26
CA LYS B 63 -9.14 -10.05 -9.34
C LYS B 63 -7.70 -10.53 -9.20
N THR B 64 -7.20 -11.23 -10.21
CA THR B 64 -5.83 -11.75 -10.19
C THR B 64 -4.84 -10.59 -10.11
N TYR B 65 -3.58 -10.93 -9.80
CA TYR B 65 -2.54 -9.91 -9.71
C TYR B 65 -2.51 -9.14 -11.02
N ALA B 66 -2.23 -7.85 -10.94
CA ALA B 66 -2.22 -7.01 -12.12
C ALA B 66 -0.83 -6.41 -12.33
N GLY B 67 -0.78 -5.15 -12.76
CA GLY B 67 0.49 -4.51 -13.02
C GLY B 67 1.17 -4.02 -11.78
N LEU B 68 2.47 -4.29 -11.70
CA LEU B 68 3.28 -3.89 -10.54
C LEU B 68 3.44 -2.37 -10.40
N SER B 69 3.48 -1.67 -11.52
CA SER B 69 3.64 -0.22 -11.53
C SER B 69 2.30 0.50 -11.73
N GLY B 70 1.22 -0.27 -11.67
CA GLY B 70 -0.10 0.29 -11.88
C GLY B 70 -0.60 -0.08 -13.26
N GLU B 71 -1.90 0.09 -13.48
CA GLU B 71 -2.49 -0.21 -14.76
C GLU B 71 -2.16 0.86 -15.79
N PRO B 72 -1.84 0.43 -17.03
CA PRO B 72 -1.49 1.35 -18.11
C PRO B 72 -2.55 2.43 -18.36
N GLU B 73 -3.82 2.07 -18.24
CA GLU B 73 -4.92 3.02 -18.42
C GLU B 73 -4.85 4.12 -17.36
N PHE B 74 -4.56 3.74 -16.11
CA PHE B 74 -4.46 4.68 -15.00
C PHE B 74 -3.28 5.64 -15.18
N GLN B 75 -2.13 5.07 -15.54
CA GLN B 75 -0.91 5.86 -15.75
C GLN B 75 -1.07 6.91 -16.85
N LYS B 76 -1.66 6.50 -17.96
CA LYS B 76 -1.86 7.42 -19.08
C LYS B 76 -2.80 8.53 -18.69
N ALA B 77 -3.97 8.16 -18.17
CA ALA B 77 -4.96 9.16 -17.77
C ALA B 77 -4.39 10.16 -16.78
N MET B 78 -3.72 9.66 -15.75
CA MET B 78 -3.13 10.52 -14.73
C MET B 78 -2.11 11.50 -15.29
N GLY B 79 -1.24 11.01 -16.15
CA GLY B 79 -0.23 11.87 -16.75
C GLY B 79 -0.85 12.99 -17.55
N GLU B 80 -1.93 12.68 -18.26
CA GLU B 80 -2.64 13.67 -19.07
C GLU B 80 -3.42 14.67 -18.22
N LEU B 81 -3.95 14.21 -17.10
CA LEU B 81 -4.68 15.07 -16.18
C LEU B 81 -3.73 16.11 -15.58
N ILE B 82 -2.55 15.65 -15.17
CA ILE B 82 -1.57 16.54 -14.56
C ILE B 82 -0.79 17.42 -15.54
N LEU B 83 -0.17 16.81 -16.53
CA LEU B 83 0.64 17.55 -17.49
C LEU B 83 -0.04 17.99 -18.78
N GLY B 84 -1.27 17.57 -18.98
CA GLY B 84 -1.98 17.93 -20.19
C GLY B 84 -1.20 17.53 -21.42
N ASP B 85 -0.99 18.48 -22.32
CA ASP B 85 -0.27 18.24 -23.56
C ASP B 85 1.24 18.33 -23.42
N GLY B 86 1.71 18.42 -22.18
CA GLY B 86 3.14 18.47 -21.92
C GLY B 86 3.63 17.10 -21.50
N LEU B 87 2.79 16.09 -21.69
CA LEU B 87 3.17 14.74 -21.32
C LEU B 87 3.97 14.04 -22.39
N LYS B 88 5.27 13.92 -22.16
CA LYS B 88 6.15 13.22 -23.07
C LYS B 88 6.37 11.84 -22.48
N SER B 89 5.46 10.92 -22.76
CA SER B 89 5.54 9.57 -22.24
C SER B 89 6.87 8.86 -22.51
N GLU B 90 7.53 9.20 -23.61
CA GLU B 90 8.80 8.59 -23.94
C GLU B 90 9.86 8.84 -22.86
N THR B 91 9.73 9.95 -22.15
CA THR B 91 10.67 10.29 -21.09
C THR B 91 10.02 10.39 -19.71
N THR B 92 8.80 9.87 -19.58
CA THR B 92 8.10 9.92 -18.32
C THR B 92 7.82 8.51 -17.79
N ALA B 93 8.14 8.30 -16.52
CA ALA B 93 7.91 7.02 -15.87
C ALA B 93 6.78 7.23 -14.87
N THR B 94 5.85 6.29 -14.79
CA THR B 94 4.73 6.40 -13.87
C THR B 94 4.70 5.24 -12.88
N LEU B 95 4.25 5.52 -11.67
CA LEU B 95 4.16 4.50 -10.63
C LEU B 95 2.86 4.70 -9.86
N ALA B 96 1.97 3.72 -9.89
CA ALA B 96 0.73 3.81 -9.13
C ALA B 96 1.07 3.48 -7.67
N THR B 97 0.67 4.35 -6.75
CA THR B 97 0.98 4.15 -5.35
C THR B 97 -0.22 4.13 -4.41
N VAL B 98 0.06 3.92 -3.13
CA VAL B 98 -0.96 3.89 -2.08
C VAL B 98 -1.13 5.34 -1.60
N GLY B 99 -2.02 6.06 -2.26
CA GLY B 99 -2.27 7.45 -1.90
C GLY B 99 -1.12 8.37 -2.27
N GLY B 100 -1.36 9.67 -2.14
CA GLY B 100 -0.33 10.64 -2.45
C GLY B 100 0.83 10.54 -1.48
N THR B 101 0.53 10.14 -0.25
CA THR B 101 1.56 10.01 0.78
C THR B 101 2.55 8.93 0.36
N GLY B 102 2.02 7.81 -0.16
CA GLY B 102 2.87 6.74 -0.62
C GLY B 102 3.73 7.26 -1.77
N ALA B 103 3.16 8.13 -2.59
CA ALA B 103 3.88 8.70 -3.71
C ALA B 103 5.05 9.55 -3.22
N LEU B 104 4.84 10.31 -2.15
CA LEU B 104 5.92 11.14 -1.60
C LEU B 104 7.06 10.27 -1.05
N ARG B 105 6.68 9.25 -0.29
CA ARG B 105 7.65 8.31 0.30
C ARG B 105 8.45 7.63 -0.81
N GLN B 106 7.75 7.10 -1.79
CA GLN B 106 8.39 6.42 -2.90
C GLN B 106 9.33 7.40 -3.60
N ALA B 107 8.88 8.65 -3.72
CA ALA B 107 9.67 9.71 -4.35
C ALA B 107 10.98 9.97 -3.60
N LEU B 108 10.90 9.95 -2.28
CA LEU B 108 12.07 10.18 -1.43
C LEU B 108 13.02 8.99 -1.52
N GLU B 109 12.44 7.79 -1.59
CA GLU B 109 13.22 6.56 -1.71
C GLU B 109 14.00 6.53 -3.03
N LEU B 110 13.33 6.88 -4.12
CA LEU B 110 13.95 6.91 -5.44
C LEU B 110 15.06 7.95 -5.51
N ALA B 111 14.79 9.13 -4.97
CA ALA B 111 15.78 10.21 -4.94
C ALA B 111 17.02 9.77 -4.20
N ARG B 112 16.85 9.29 -2.97
CA ARG B 112 17.98 8.84 -2.16
C ARG B 112 18.72 7.69 -2.83
N MET B 113 17.98 6.86 -3.55
CA MET B 113 18.56 5.73 -4.25
C MET B 113 19.55 6.26 -5.30
N ALA B 114 19.17 7.34 -5.99
CA ALA B 114 20.00 7.95 -7.02
C ALA B 114 21.05 8.90 -6.43
N ASN B 115 20.87 9.30 -5.19
CA ASN B 115 21.79 10.22 -4.53
C ASN B 115 21.74 10.04 -3.02
N PRO B 116 22.69 9.28 -2.47
CA PRO B 116 22.77 9.03 -1.04
C PRO B 116 22.92 10.29 -0.19
N ASP B 117 23.61 11.29 -0.74
CA ASP B 117 23.84 12.55 -0.01
C ASP B 117 22.80 13.60 -0.37
N LEU B 118 21.54 13.18 -0.42
CA LEU B 118 20.42 14.06 -0.77
C LEU B 118 19.93 14.91 0.41
N ARG B 119 19.55 16.14 0.13
CA ARG B 119 19.02 17.05 1.15
C ARG B 119 17.67 17.53 0.62
N VAL B 120 16.71 17.74 1.51
CA VAL B 120 15.39 18.19 1.08
C VAL B 120 15.01 19.54 1.67
N PHE B 121 14.53 20.42 0.79
CA PHE B 121 14.08 21.75 1.21
C PHE B 121 12.56 21.68 1.32
N VAL B 122 12.03 22.22 2.41
CA VAL B 122 10.58 22.24 2.61
C VAL B 122 10.21 23.68 2.94
N SER B 123 8.95 24.04 2.74
CA SER B 123 8.52 25.39 3.01
C SER B 123 8.21 25.64 4.47
N ASP B 124 8.42 26.86 4.90
CA ASP B 124 8.09 27.24 6.26
C ASP B 124 6.81 28.04 6.16
N PRO B 125 5.66 27.44 6.52
CA PRO B 125 5.51 26.06 6.98
C PRO B 125 5.03 25.14 5.86
N THR B 126 4.89 23.85 6.17
CA THR B 126 4.42 22.87 5.19
C THR B 126 3.63 21.78 5.89
N TRP B 127 3.12 20.84 5.11
CA TRP B 127 2.35 19.72 5.61
C TRP B 127 3.27 18.93 6.55
N PRO B 128 2.91 18.84 7.84
CA PRO B 128 3.66 18.14 8.89
C PRO B 128 4.16 16.77 8.47
N ASN B 129 3.33 16.02 7.77
CA ASN B 129 3.73 14.68 7.33
C ASN B 129 5.01 14.68 6.51
N HIS B 130 5.30 15.78 5.82
CA HIS B 130 6.51 15.89 5.02
C HIS B 130 7.76 15.67 5.86
N VAL B 131 7.95 16.50 6.89
CA VAL B 131 9.12 16.39 7.76
C VAL B 131 9.13 15.07 8.54
N SER B 132 7.94 14.60 8.92
CA SER B 132 7.76 13.35 9.64
C SER B 132 8.47 12.21 8.90
N ILE B 133 8.03 11.97 7.66
CA ILE B 133 8.58 10.92 6.82
C ILE B 133 10.08 11.11 6.59
N MET B 134 10.50 12.33 6.35
CA MET B 134 11.90 12.63 6.11
C MET B 134 12.75 12.39 7.37
N ASN B 135 12.17 12.61 8.54
CA ASN B 135 12.88 12.37 9.78
C ASN B 135 13.10 10.87 9.92
N PHE B 136 12.01 10.12 9.71
CA PHE B 136 12.03 8.67 9.78
C PHE B 136 13.11 8.12 8.84
N MET B 137 13.12 8.63 7.60
CA MET B 137 14.10 8.19 6.62
C MET B 137 15.51 8.65 6.94
N GLY B 138 15.63 9.62 7.84
CA GLY B 138 16.94 10.13 8.21
C GLY B 138 17.54 11.09 7.18
N LEU B 139 16.68 11.79 6.44
CA LEU B 139 17.15 12.73 5.41
C LEU B 139 17.24 14.14 5.99
N PRO B 140 18.33 14.85 5.70
CA PRO B 140 18.56 16.22 6.17
C PRO B 140 17.49 17.16 5.64
N VAL B 141 16.74 17.79 6.54
CA VAL B 141 15.68 18.71 6.14
C VAL B 141 16.06 20.17 6.36
N GLN B 142 15.91 20.97 5.32
CA GLN B 142 16.19 22.40 5.39
C GLN B 142 14.92 23.10 4.95
N THR B 143 14.68 24.28 5.48
CA THR B 143 13.48 25.02 5.13
C THR B 143 13.79 26.27 4.34
N TYR B 144 12.83 26.70 3.52
CA TYR B 144 12.96 27.92 2.77
C TYR B 144 11.79 28.80 3.21
N ARG B 145 12.04 30.09 3.32
CA ARG B 145 11.00 31.03 3.73
C ARG B 145 9.86 30.96 2.72
N TYR B 146 8.63 30.96 3.22
CA TYR B 146 7.46 30.89 2.34
C TYR B 146 6.34 31.78 2.82
N PHE B 147 5.81 31.49 4.00
CA PHE B 147 4.69 32.27 4.54
C PHE B 147 5.13 33.61 5.12
N ASP B 148 4.52 34.69 4.64
CA ASP B 148 4.81 36.03 5.11
C ASP B 148 3.89 36.25 6.29
N ALA B 149 4.37 35.90 7.47
CA ALA B 149 3.61 36.02 8.72
C ALA B 149 2.63 37.19 8.83
N GLU B 150 3.09 38.38 8.47
CA GLU B 150 2.25 39.58 8.57
C GLU B 150 1.11 39.66 7.55
N THR B 151 1.46 39.65 6.27
CA THR B 151 0.46 39.76 5.21
C THR B 151 -0.29 38.47 4.85
N ARG B 152 0.13 37.36 5.44
CA ARG B 152 -0.48 36.06 5.15
C ARG B 152 -0.29 35.63 3.70
N GLY B 153 0.57 36.35 2.99
CA GLY B 153 0.85 36.02 1.61
C GLY B 153 2.16 35.26 1.56
N VAL B 154 2.79 35.22 0.39
CA VAL B 154 4.06 34.54 0.25
C VAL B 154 5.21 35.54 0.36
N ASP B 155 6.21 35.16 1.14
CA ASP B 155 7.40 35.96 1.31
C ASP B 155 8.29 35.51 0.15
N PHE B 156 7.95 35.96 -1.06
CA PHE B 156 8.70 35.57 -2.25
C PHE B 156 10.18 35.90 -2.23
N GLU B 157 10.54 37.13 -1.85
CA GLU B 157 11.94 37.54 -1.79
C GLU B 157 12.73 36.62 -0.86
N GLY B 158 12.11 36.25 0.26
CA GLY B 158 12.75 35.36 1.21
C GLY B 158 12.85 33.94 0.63
N MET B 159 11.81 33.54 -0.09
CA MET B 159 11.78 32.23 -0.71
C MET B 159 12.92 32.08 -1.73
N LYS B 160 13.00 33.05 -2.66
CA LYS B 160 14.02 33.03 -3.71
C LYS B 160 15.44 33.03 -3.15
N ALA B 161 15.65 33.81 -2.08
CA ALA B 161 16.97 33.91 -1.45
C ALA B 161 17.42 32.55 -0.91
N ASP B 162 16.51 31.86 -0.22
CA ASP B 162 16.82 30.56 0.35
C ASP B 162 17.01 29.46 -0.69
N LEU B 163 16.17 29.45 -1.71
CA LEU B 163 16.28 28.44 -2.76
C LEU B 163 17.61 28.54 -3.48
N ALA B 164 18.07 29.76 -3.70
CA ALA B 164 19.34 30.00 -4.39
C ALA B 164 20.52 29.33 -3.68
N ALA B 165 20.33 29.01 -2.41
CA ALA B 165 21.37 28.37 -1.61
C ALA B 165 21.42 26.86 -1.80
N ALA B 166 20.47 26.30 -2.53
CA ALA B 166 20.44 24.86 -2.77
C ALA B 166 21.51 24.39 -3.74
N LYS B 167 22.18 23.29 -3.39
CA LYS B 167 23.21 22.73 -4.27
C LYS B 167 22.49 21.81 -5.23
N LYS B 168 23.20 21.38 -6.27
CA LYS B 168 22.59 20.46 -7.23
C LYS B 168 22.52 19.13 -6.50
N GLY B 169 21.61 18.27 -6.91
CA GLY B 169 21.50 16.99 -6.25
C GLY B 169 20.63 17.07 -5.01
N ASP B 170 20.20 18.29 -4.69
CA ASP B 170 19.30 18.53 -3.57
C ASP B 170 17.90 18.50 -4.15
N MET B 171 16.90 18.32 -3.30
CA MET B 171 15.53 18.27 -3.75
C MET B 171 14.76 19.39 -3.10
N VAL B 172 13.87 20.01 -3.86
CA VAL B 172 13.04 21.09 -3.36
C VAL B 172 11.58 20.64 -3.42
N LEU B 173 10.92 20.61 -2.28
CA LEU B 173 9.51 20.22 -2.20
C LEU B 173 8.59 21.43 -2.34
N LEU B 174 7.90 21.50 -3.47
CA LEU B 174 6.97 22.58 -3.76
C LEU B 174 5.56 22.02 -3.83
N HIS B 175 4.58 22.81 -3.44
CA HIS B 175 3.19 22.39 -3.53
C HIS B 175 2.72 22.92 -4.89
N GLY B 176 2.13 22.05 -5.71
CA GLY B 176 1.66 22.47 -7.02
C GLY B 176 0.59 23.55 -6.96
N CYS B 177 -0.22 23.49 -5.92
CA CYS B 177 -1.29 24.47 -5.72
C CYS B 177 -1.89 24.22 -4.34
N CYS B 178 -2.80 25.10 -3.93
CA CYS B 178 -3.51 24.99 -2.65
C CYS B 178 -2.57 24.55 -1.52
N HIS B 179 -1.69 25.47 -1.12
CA HIS B 179 -0.70 25.23 -0.09
C HIS B 179 -1.29 24.90 1.28
N ASN B 180 -0.88 23.74 1.77
CA ASN B 180 -1.29 23.23 3.08
C ASN B 180 -0.08 23.52 3.96
N PRO B 181 -0.29 24.17 5.11
CA PRO B 181 -1.52 24.70 5.74
C PRO B 181 -1.92 26.16 5.46
N THR B 182 -1.03 26.93 4.86
CA THR B 182 -1.30 28.35 4.63
C THR B 182 -2.44 28.80 3.73
N GLY B 183 -2.51 28.23 2.54
CA GLY B 183 -3.54 28.63 1.60
C GLY B 183 -2.97 29.74 0.72
N ALA B 184 -1.75 30.17 1.03
CA ALA B 184 -1.05 31.21 0.27
C ALA B 184 -0.36 30.50 -0.87
N ASN B 185 -0.54 30.99 -2.10
CA ASN B 185 0.06 30.36 -3.28
C ASN B 185 0.77 31.33 -4.21
N LEU B 186 1.74 30.80 -4.95
CA LEU B 186 2.50 31.59 -5.92
C LEU B 186 1.67 31.85 -7.17
N THR B 187 1.99 32.91 -7.89
CA THR B 187 1.31 33.23 -9.14
C THR B 187 2.18 32.61 -10.24
N LEU B 188 1.66 32.56 -11.46
CA LEU B 188 2.41 31.96 -12.55
C LEU B 188 3.74 32.68 -12.80
N ASP B 189 3.75 34.00 -12.65
CA ASP B 189 4.97 34.77 -12.84
C ASP B 189 6.02 34.36 -11.82
N GLN B 190 5.58 34.14 -10.58
CA GLN B 190 6.50 33.72 -9.54
C GLN B 190 7.06 32.34 -9.86
N TRP B 191 6.22 31.49 -10.44
CA TRP B 191 6.64 30.13 -10.82
C TRP B 191 7.78 30.16 -11.82
N ALA B 192 7.70 31.06 -12.80
CA ALA B 192 8.73 31.19 -13.83
C ALA B 192 10.04 31.58 -13.15
N GLU B 193 9.93 32.41 -12.12
CA GLU B 193 11.06 32.87 -11.35
C GLU B 193 11.69 31.64 -10.66
N ILE B 194 10.87 30.86 -9.97
CA ILE B 194 11.33 29.65 -9.29
C ILE B 194 12.00 28.69 -10.27
N ALA B 195 11.45 28.59 -11.48
CA ALA B 195 12.01 27.73 -12.51
C ALA B 195 13.42 28.19 -12.87
N SER B 196 13.64 29.51 -12.88
CA SER B 196 14.93 30.08 -13.20
C SER B 196 15.95 29.61 -12.18
N ILE B 197 15.62 29.81 -10.90
CA ILE B 197 16.50 29.40 -9.81
C ILE B 197 16.81 27.91 -9.85
N LEU B 198 15.77 27.08 -9.91
CA LEU B 198 15.92 25.63 -9.95
C LEU B 198 16.90 25.19 -11.02
N GLU B 199 16.80 25.82 -12.19
CA GLU B 199 17.66 25.52 -13.33
C GLU B 199 19.11 25.93 -13.09
N LYS B 200 19.32 27.08 -12.47
CA LYS B 200 20.67 27.57 -12.19
C LYS B 200 21.34 26.79 -11.05
N THR B 201 20.54 26.37 -10.08
CA THR B 201 21.04 25.64 -8.92
C THR B 201 21.20 24.15 -9.18
N GLY B 202 20.42 23.63 -10.12
CA GLY B 202 20.49 22.22 -10.45
C GLY B 202 19.73 21.33 -9.47
N ALA B 203 18.79 21.93 -8.73
CA ALA B 203 17.99 21.19 -7.76
C ALA B 203 16.82 20.49 -8.45
N LEU B 204 16.45 19.33 -7.92
CA LEU B 204 15.34 18.53 -8.46
C LEU B 204 14.04 18.92 -7.76
N PRO B 205 13.05 19.42 -8.52
CA PRO B 205 11.80 19.79 -7.87
C PRO B 205 10.88 18.58 -7.64
N LEU B 206 10.38 18.48 -6.42
CA LEU B 206 9.44 17.42 -6.05
C LEU B 206 8.17 18.22 -5.82
N ILE B 207 7.20 18.05 -6.70
CA ILE B 207 5.95 18.77 -6.58
C ILE B 207 4.88 17.89 -5.95
N ASP B 208 4.31 18.37 -4.86
CA ASP B 208 3.25 17.67 -4.15
C ASP B 208 1.95 18.22 -4.70
N LEU B 209 1.25 17.42 -5.48
CA LEU B 209 0.00 17.83 -6.09
C LEU B 209 -1.16 17.06 -5.50
N ALA B 210 -1.74 17.60 -4.43
CA ALA B 210 -2.84 16.95 -3.73
C ALA B 210 -4.21 17.60 -3.89
N TYR B 211 -4.27 18.84 -4.35
CA TYR B 211 -5.56 19.53 -4.48
C TYR B 211 -5.85 20.12 -5.85
N GLN B 212 -5.53 19.39 -6.92
CA GLN B 212 -5.80 19.90 -8.26
C GLN B 212 -7.31 19.95 -8.45
N GLY B 213 -7.83 21.15 -8.64
CA GLY B 213 -9.25 21.33 -8.84
C GLY B 213 -9.94 22.07 -7.71
N PHE B 214 -9.18 22.44 -6.68
CA PHE B 214 -9.74 23.16 -5.54
C PHE B 214 -9.33 24.62 -5.48
N GLY B 215 -8.30 24.98 -6.24
CA GLY B 215 -7.85 26.36 -6.26
C GLY B 215 -8.66 27.18 -7.23
N ASP B 216 -8.18 27.24 -8.47
CA ASP B 216 -8.85 28.00 -9.53
C ASP B 216 -9.48 27.13 -10.62
N GLY B 217 -9.20 25.83 -10.63
CA GLY B 217 -9.76 24.95 -11.63
C GLY B 217 -8.76 23.89 -12.01
N LEU B 218 -9.23 22.77 -12.57
CA LEU B 218 -8.36 21.65 -12.96
C LEU B 218 -7.12 22.04 -13.77
N GLU B 219 -7.35 22.70 -14.90
CA GLU B 219 -6.26 23.12 -15.78
C GLU B 219 -5.41 24.22 -15.16
N GLU B 220 -6.05 25.16 -14.47
CA GLU B 220 -5.33 26.28 -13.86
C GLU B 220 -4.40 25.83 -12.74
N ASP B 221 -4.90 24.96 -11.87
CA ASP B 221 -4.12 24.46 -10.74
C ASP B 221 -2.89 23.66 -11.15
N ALA B 222 -2.88 23.18 -12.39
CA ALA B 222 -1.75 22.41 -12.91
C ALA B 222 -0.75 23.28 -13.67
N ALA B 223 -1.15 24.52 -13.96
CA ALA B 223 -0.31 25.48 -14.70
C ALA B 223 1.12 25.54 -14.18
N GLY B 224 1.27 25.70 -12.87
CA GLY B 224 2.59 25.79 -12.26
C GLY B 224 3.43 24.55 -12.50
N THR B 225 2.84 23.38 -12.27
CA THR B 225 3.51 22.11 -12.47
C THR B 225 3.95 21.96 -13.91
N ARG B 226 3.10 22.40 -14.85
CA ARG B 226 3.40 22.32 -16.27
C ARG B 226 4.54 23.27 -16.66
N LEU B 227 4.61 24.43 -16.02
CA LEU B 227 5.68 25.40 -16.27
C LEU B 227 7.03 24.75 -15.94
N ILE B 228 7.16 24.16 -14.75
CA ILE B 228 8.40 23.52 -14.33
C ILE B 228 8.73 22.32 -15.23
N ALA B 229 7.71 21.55 -15.59
CA ALA B 229 7.89 20.37 -16.44
C ALA B 229 8.48 20.74 -17.80
N SER B 230 8.31 21.98 -18.21
CA SER B 230 8.83 22.44 -19.49
C SER B 230 10.19 23.09 -19.40
N ARG B 231 10.51 23.67 -18.24
CA ARG B 231 11.79 24.33 -18.03
C ARG B 231 12.88 23.38 -17.52
N ILE B 232 12.51 22.52 -16.57
CA ILE B 232 13.44 21.57 -15.96
C ILE B 232 13.32 20.22 -16.64
N PRO B 233 14.45 19.65 -17.10
CA PRO B 233 14.48 18.35 -17.78
C PRO B 233 14.17 17.14 -16.90
N GLU B 234 14.26 17.30 -15.58
CA GLU B 234 14.02 16.20 -14.68
C GLU B 234 13.27 16.70 -13.46
N VAL B 235 12.04 16.21 -13.28
CA VAL B 235 11.22 16.62 -12.14
C VAL B 235 10.40 15.42 -11.65
N LEU B 236 10.02 15.44 -10.38
CA LEU B 236 9.21 14.37 -9.80
C LEU B 236 7.90 15.01 -9.33
N ILE B 237 6.78 14.38 -9.64
CA ILE B 237 5.47 14.90 -9.22
C ILE B 237 4.72 13.82 -8.47
N ALA B 238 4.38 14.10 -7.21
CA ALA B 238 3.65 13.16 -6.36
C ALA B 238 2.18 13.58 -6.35
N ALA B 239 1.33 12.81 -7.02
CA ALA B 239 -0.09 13.12 -7.10
C ALA B 239 -1.01 12.32 -6.20
N SER B 240 -2.08 12.97 -5.75
CA SER B 240 -3.07 12.37 -4.88
C SER B 240 -4.47 12.51 -5.49
N CYS B 241 -5.23 11.41 -5.51
CA CYS B 241 -6.58 11.40 -6.04
C CYS B 241 -7.62 11.43 -4.91
N SER B 242 -7.13 11.35 -3.67
CA SER B 242 -8.00 11.36 -2.49
C SER B 242 -9.02 12.48 -2.44
N LYS B 243 -8.56 13.72 -2.55
CA LYS B 243 -9.44 14.88 -2.46
C LYS B 243 -10.28 15.23 -3.68
N ASN B 244 -9.65 15.42 -4.85
CA ASN B 244 -10.40 15.78 -6.05
C ASN B 244 -11.31 14.69 -6.64
N PHE B 245 -11.19 13.46 -6.12
CA PHE B 245 -12.06 12.36 -6.56
C PHE B 245 -12.86 11.89 -5.35
N GLY B 246 -12.53 12.43 -4.18
CA GLY B 246 -13.23 12.09 -2.95
C GLY B 246 -13.17 10.62 -2.59
N ILE B 247 -12.05 9.97 -2.91
CA ILE B 247 -11.86 8.54 -2.63
C ILE B 247 -10.73 8.31 -1.64
N TYR B 248 -10.72 9.12 -0.60
CA TYR B 248 -9.71 9.09 0.46
C TYR B 248 -9.30 7.72 0.94
N ARG B 249 -10.27 6.93 1.39
CA ARG B 249 -10.01 5.60 1.92
C ARG B 249 -9.54 4.52 0.94
N GLU B 250 -9.63 4.78 -0.36
CA GLU B 250 -9.19 3.80 -1.36
C GLU B 250 -7.66 3.80 -1.47
N ARG B 251 -7.06 4.92 -1.08
CA ARG B 251 -5.61 5.10 -1.09
C ARG B 251 -5.07 5.04 -2.52
N THR B 252 -5.21 6.14 -3.26
CA THR B 252 -4.76 6.17 -4.64
C THR B 252 -4.15 7.50 -5.09
N GLY B 253 -3.01 7.36 -5.76
CA GLY B 253 -2.30 8.50 -6.31
C GLY B 253 -1.22 7.94 -7.19
N CYS B 254 -0.19 8.72 -7.52
CA CYS B 254 0.86 8.21 -8.36
C CYS B 254 2.07 9.12 -8.40
N LEU B 255 3.22 8.54 -8.71
CA LEU B 255 4.45 9.29 -8.79
C LEU B 255 4.86 9.36 -10.25
N LEU B 256 5.09 10.58 -10.73
CA LEU B 256 5.51 10.80 -12.11
C LEU B 256 6.96 11.24 -12.06
N ALA B 257 7.81 10.54 -12.81
CA ALA B 257 9.22 10.86 -12.87
C ALA B 257 9.53 11.30 -14.28
N LEU B 258 9.82 12.59 -14.43
CA LEU B 258 10.15 13.17 -15.73
C LEU B 258 11.65 13.12 -15.93
N CYS B 259 12.07 12.54 -17.05
CA CYS B 259 13.49 12.40 -17.33
C CYS B 259 13.94 13.11 -18.62
N ALA B 260 15.24 13.34 -18.74
CA ALA B 260 15.79 14.02 -19.89
C ALA B 260 15.91 13.15 -21.14
N ASP B 261 15.79 11.84 -20.96
CA ASP B 261 15.88 10.92 -22.10
C ASP B 261 15.21 9.58 -21.79
N ALA B 262 14.92 8.82 -22.84
CA ALA B 262 14.27 7.53 -22.72
C ALA B 262 15.07 6.53 -21.89
N ALA B 263 16.39 6.57 -22.04
CA ALA B 263 17.28 5.67 -21.31
C ALA B 263 17.13 5.85 -19.81
N THR B 264 17.22 7.10 -19.34
CA THR B 264 17.08 7.39 -17.92
C THR B 264 15.69 6.98 -17.46
N ARG B 265 14.71 7.19 -18.33
CA ARG B 265 13.33 6.86 -18.05
C ARG B 265 13.17 5.38 -17.73
N GLU B 266 13.83 4.53 -18.51
CA GLU B 266 13.78 3.10 -18.29
C GLU B 266 14.38 2.71 -16.95
N LEU B 267 15.41 3.43 -16.52
CA LEU B 267 16.05 3.17 -15.23
C LEU B 267 15.03 3.47 -14.14
N ALA B 268 14.52 4.70 -14.16
CA ALA B 268 13.55 5.18 -13.18
C ALA B 268 12.35 4.26 -13.06
N GLN B 269 11.78 3.89 -14.20
CA GLN B 269 10.62 3.01 -14.21
C GLN B 269 10.97 1.69 -13.55
N GLY B 270 12.14 1.15 -13.89
CA GLY B 270 12.59 -0.09 -13.32
C GLY B 270 12.75 0.00 -11.83
N ALA B 271 13.38 1.08 -11.37
CA ALA B 271 13.61 1.31 -9.94
C ALA B 271 12.31 1.59 -9.20
N MET B 272 11.35 2.18 -9.88
CA MET B 272 10.06 2.49 -9.28
C MET B 272 9.26 1.21 -9.02
N ALA B 273 9.25 0.30 -9.99
CA ALA B 273 8.53 -0.96 -9.87
C ALA B 273 9.18 -1.82 -8.79
N PHE B 274 10.50 -1.86 -8.81
CA PHE B 274 11.29 -2.61 -7.84
C PHE B 274 10.95 -2.07 -6.45
N LEU B 275 10.77 -0.75 -6.38
CA LEU B 275 10.44 -0.07 -5.14
C LEU B 275 9.08 -0.51 -4.59
N ASN B 276 8.14 -0.81 -5.47
CA ASN B 276 6.81 -1.26 -5.05
C ASN B 276 6.89 -2.70 -4.60
N ARG B 277 7.65 -3.49 -5.36
CA ARG B 277 7.82 -4.90 -5.09
C ARG B 277 8.42 -5.17 -3.71
N GLN B 278 9.38 -4.35 -3.30
CA GLN B 278 10.03 -4.52 -2.00
C GLN B 278 9.23 -3.97 -0.82
N THR B 279 8.23 -3.16 -1.11
CA THR B 279 7.42 -2.55 -0.05
C THR B 279 6.11 -3.27 0.24
N TYR B 280 5.37 -3.61 -0.81
CA TYR B 280 4.07 -4.25 -0.63
C TYR B 280 3.62 -5.02 -1.87
N SER B 281 4.51 -5.20 -2.85
CA SER B 281 4.17 -5.89 -4.09
C SER B 281 3.30 -4.97 -4.97
N PHE B 282 2.13 -5.45 -5.37
CA PHE B 282 1.23 -4.67 -6.22
C PHE B 282 0.49 -3.54 -5.51
N PRO B 283 0.19 -2.46 -6.24
CA PRO B 283 -0.52 -1.32 -5.66
C PRO B 283 -2.03 -1.62 -5.64
N PRO B 284 -2.80 -0.92 -4.80
CA PRO B 284 -4.26 -1.13 -4.71
C PRO B 284 -4.96 -0.80 -6.02
N PHE B 285 -5.76 -1.75 -6.51
CA PHE B 285 -6.46 -1.60 -7.78
C PHE B 285 -7.72 -0.72 -7.79
N HIS B 286 -8.66 -1.03 -6.90
CA HIS B 286 -9.94 -0.33 -6.82
C HIS B 286 -10.01 1.19 -7.05
N GLY B 287 -9.20 1.94 -6.31
CA GLY B 287 -9.23 3.39 -6.46
C GLY B 287 -8.68 3.85 -7.79
N ALA B 288 -7.63 3.18 -8.24
CA ALA B 288 -6.99 3.48 -9.52
C ALA B 288 -7.98 3.24 -10.64
N LYS B 289 -8.76 2.17 -10.50
CA LYS B 289 -9.74 1.80 -11.50
C LYS B 289 -10.88 2.82 -11.58
N ILE B 290 -11.34 3.28 -10.42
CA ILE B 290 -12.41 4.27 -10.40
C ILE B 290 -11.95 5.52 -11.14
N VAL B 291 -10.74 5.97 -10.83
CA VAL B 291 -10.17 7.16 -11.46
C VAL B 291 -10.09 7.04 -12.99
N SER B 292 -9.44 5.99 -13.48
CA SER B 292 -9.29 5.78 -14.92
C SER B 292 -10.64 5.66 -15.64
N THR B 293 -11.57 4.93 -15.04
CA THR B 293 -12.90 4.75 -15.62
C THR B 293 -13.51 6.14 -15.80
N VAL B 294 -13.50 6.94 -14.73
CA VAL B 294 -14.04 8.30 -14.79
C VAL B 294 -13.35 9.13 -15.88
N LEU B 295 -12.03 9.23 -15.80
CA LEU B 295 -11.22 9.99 -16.74
C LEU B 295 -11.35 9.59 -18.20
N THR B 296 -11.59 8.31 -18.47
CA THR B 296 -11.70 7.85 -19.85
C THR B 296 -13.13 7.75 -20.36
N THR B 297 -14.09 8.01 -19.48
CA THR B 297 -15.49 7.96 -19.88
C THR B 297 -16.01 9.38 -19.96
N PRO B 298 -15.94 10.00 -21.16
CA PRO B 298 -16.37 11.38 -21.44
C PRO B 298 -17.61 11.83 -20.65
N GLU B 299 -18.60 10.95 -20.57
CA GLU B 299 -19.82 11.24 -19.83
C GLU B 299 -19.48 11.43 -18.35
N LEU B 300 -18.71 10.48 -17.81
CA LEU B 300 -18.30 10.49 -16.42
C LEU B 300 -17.36 11.66 -16.07
N ARG B 301 -16.35 11.90 -16.92
CA ARG B 301 -15.42 13.00 -16.68
C ARG B 301 -16.17 14.33 -16.68
N ALA B 302 -17.13 14.45 -17.60
CA ALA B 302 -17.93 15.65 -17.71
C ALA B 302 -18.66 15.96 -16.41
N ASP B 303 -19.36 14.96 -15.87
CA ASP B 303 -20.11 15.14 -14.62
C ASP B 303 -19.18 15.38 -13.43
N TRP B 304 -18.04 14.68 -13.41
CA TRP B 304 -17.07 14.83 -12.35
C TRP B 304 -16.55 16.28 -12.31
N MET B 305 -16.17 16.79 -13.48
CA MET B 305 -15.66 18.16 -13.58
C MET B 305 -16.72 19.13 -13.05
N ALA B 306 -17.96 18.95 -13.49
CA ALA B 306 -19.07 19.79 -13.07
C ALA B 306 -19.22 19.81 -11.55
N GLU B 307 -19.20 18.62 -10.95
CA GLU B 307 -19.33 18.51 -9.50
C GLU B 307 -18.14 19.15 -8.78
N LEU B 308 -16.95 18.95 -9.31
CA LEU B 308 -15.73 19.52 -8.74
C LEU B 308 -15.75 21.04 -8.85
N GLU B 309 -16.35 21.55 -9.92
CA GLU B 309 -16.46 23.00 -10.14
C GLU B 309 -17.42 23.58 -9.09
N ALA B 310 -18.47 22.83 -8.78
CA ALA B 310 -19.46 23.21 -7.79
C ALA B 310 -18.82 23.32 -6.41
N VAL B 311 -18.00 22.33 -6.06
CA VAL B 311 -17.28 22.33 -4.78
C VAL B 311 -16.37 23.56 -4.71
N ARG B 312 -15.54 23.73 -5.73
CA ARG B 312 -14.60 24.84 -5.82
C ARG B 312 -15.27 26.21 -5.71
N SER B 313 -16.38 26.40 -6.42
CA SER B 313 -17.08 27.68 -6.39
C SER B 313 -17.74 27.92 -5.05
N GLY B 314 -18.31 26.86 -4.47
CA GLY B 314 -18.98 26.98 -3.19
C GLY B 314 -18.02 27.47 -2.11
N MET B 315 -16.84 26.88 -2.08
CA MET B 315 -15.83 27.26 -1.09
C MET B 315 -15.38 28.69 -1.25
N LEU B 316 -15.18 29.10 -2.50
CA LEU B 316 -14.75 30.47 -2.79
C LEU B 316 -15.84 31.41 -2.29
N ARG B 317 -17.09 30.99 -2.47
CA ARG B 317 -18.25 31.73 -2.02
C ARG B 317 -18.19 31.89 -0.50
N LEU B 318 -17.83 30.80 0.19
CA LEU B 318 -17.72 30.80 1.65
C LEU B 318 -16.61 31.72 2.17
N ARG B 319 -15.43 31.64 1.56
CA ARG B 319 -14.31 32.50 1.97
C ARG B 319 -14.73 33.95 1.84
N GLU B 320 -15.50 34.24 0.79
CA GLU B 320 -15.99 35.58 0.50
C GLU B 320 -16.97 36.06 1.55
N GLN B 321 -17.88 35.18 1.98
CA GLN B 321 -18.85 35.54 3.00
C GLN B 321 -18.12 35.84 4.31
N LEU B 322 -17.25 34.92 4.72
CA LEU B 322 -16.48 35.07 5.95
C LEU B 322 -15.67 36.35 5.95
N ALA B 323 -14.93 36.59 4.88
CA ALA B 323 -14.12 37.80 4.76
C ALA B 323 -15.02 39.02 4.96
N GLY B 324 -16.18 38.99 4.30
CA GLY B 324 -17.12 40.09 4.40
C GLY B 324 -17.53 40.37 5.83
N GLU B 325 -17.96 39.33 6.54
CA GLU B 325 -18.37 39.48 7.94
C GLU B 325 -17.23 39.99 8.80
N LEU B 326 -16.03 39.48 8.56
CA LEU B 326 -14.86 39.90 9.32
C LEU B 326 -14.63 41.39 9.14
N ARG B 327 -14.79 41.87 7.90
CA ARG B 327 -14.60 43.28 7.61
C ARG B 327 -15.73 44.12 8.23
N ASP B 328 -16.95 43.59 8.17
CA ASP B 328 -18.11 44.28 8.71
C ASP B 328 -18.30 43.97 10.21
N LEU B 329 -17.21 43.56 10.87
CA LEU B 329 -17.23 43.26 12.30
C LEU B 329 -16.02 43.95 12.94
N SER B 330 -15.33 44.79 12.15
CA SER B 330 -14.16 45.51 12.65
C SER B 330 -13.87 46.75 11.80
N GLY B 331 -14.47 46.82 10.62
CA GLY B 331 -14.26 47.95 9.75
C GLY B 331 -12.83 48.08 9.26
N SER B 332 -12.19 46.94 8.95
CA SER B 332 -10.81 46.94 8.48
C SER B 332 -10.57 45.87 7.40
N ASP B 333 -9.58 46.12 6.55
CA ASP B 333 -9.23 45.19 5.48
C ASP B 333 -8.22 44.14 5.96
N ARG B 334 -8.10 43.99 7.28
CA ARG B 334 -7.16 43.06 7.88
C ARG B 334 -7.31 41.63 7.40
N PHE B 335 -8.48 41.06 7.63
CA PHE B 335 -8.77 39.70 7.23
C PHE B 335 -9.04 39.55 5.74
N GLY B 336 -8.51 40.46 4.93
CA GLY B 336 -8.72 40.39 3.50
C GLY B 336 -8.05 39.17 2.89
N PHE B 337 -6.97 38.72 3.53
CA PHE B 337 -6.22 37.55 3.07
C PHE B 337 -7.08 36.31 2.91
N VAL B 338 -8.15 36.23 3.68
CA VAL B 338 -9.07 35.09 3.64
C VAL B 338 -9.61 34.87 2.23
N ALA B 339 -10.02 35.95 1.58
CA ALA B 339 -10.57 35.87 0.23
C ALA B 339 -9.49 35.73 -0.84
N GLU B 340 -8.24 35.93 -0.47
CA GLU B 340 -7.12 35.83 -1.42
C GLU B 340 -6.60 34.41 -1.52
N HIS B 341 -6.53 33.73 -0.38
CA HIS B 341 -6.03 32.36 -0.29
C HIS B 341 -6.82 31.38 -1.16
N ARG B 342 -6.17 30.30 -1.58
CA ARG B 342 -6.81 29.30 -2.44
C ARG B 342 -6.69 27.90 -1.82
N GLY B 343 -7.75 27.12 -1.96
CA GLY B 343 -7.75 25.77 -1.42
C GLY B 343 -8.77 25.70 -0.30
N MET B 344 -8.75 24.63 0.48
CA MET B 344 -9.71 24.54 1.57
C MET B 344 -9.15 24.96 2.93
N PHE B 345 -7.90 25.39 2.96
CA PHE B 345 -7.28 25.81 4.21
C PHE B 345 -6.89 27.27 4.15
N SER B 346 -6.58 27.84 5.30
CA SER B 346 -6.17 29.22 5.41
C SER B 346 -5.60 29.40 6.80
N ARG B 347 -4.41 29.99 6.88
CA ARG B 347 -3.76 30.24 8.17
C ARG B 347 -4.18 31.61 8.67
N LEU B 348 -5.02 31.62 9.70
CA LEU B 348 -5.52 32.87 10.27
C LEU B 348 -4.44 33.76 10.86
N GLY B 349 -3.30 33.16 11.19
CA GLY B 349 -2.21 33.92 11.79
C GLY B 349 -2.45 34.15 13.27
N ALA B 350 -3.39 33.38 13.83
CA ALA B 350 -3.74 33.49 15.24
C ALA B 350 -2.67 32.88 16.13
N THR B 351 -2.50 33.45 17.31
CA THR B 351 -1.50 32.98 18.27
C THR B 351 -2.03 31.71 18.97
N PRO B 352 -1.12 30.76 19.33
CA PRO B 352 -1.47 29.50 20.00
C PRO B 352 -2.35 29.61 21.25
N GLU B 353 -2.18 30.68 22.04
CA GLU B 353 -2.98 30.86 23.24
C GLU B 353 -4.46 30.98 22.83
N GLN B 354 -4.71 31.85 21.86
CA GLN B 354 -6.04 32.09 21.34
C GLN B 354 -6.62 30.82 20.72
N VAL B 355 -5.83 30.19 19.85
CA VAL B 355 -6.25 28.98 19.18
C VAL B 355 -6.73 27.92 20.17
N LYS B 356 -5.91 27.60 21.16
CA LYS B 356 -6.26 26.59 22.15
C LYS B 356 -7.44 27.04 23.02
N ARG B 357 -7.52 28.34 23.27
CA ARG B 357 -8.58 28.91 24.09
C ARG B 357 -9.97 28.58 23.56
N ILE B 358 -10.23 29.02 22.34
CA ILE B 358 -11.53 28.82 21.69
C ILE B 358 -11.98 27.37 21.55
N LYS B 359 -11.07 26.43 21.79
CA LYS B 359 -11.37 25.01 21.68
C LYS B 359 -12.42 24.48 22.66
N GLU B 360 -12.41 25.00 23.90
CA GLU B 360 -13.36 24.53 24.90
C GLU B 360 -14.70 25.26 25.04
N GLU B 361 -14.69 26.47 25.57
CA GLU B 361 -15.93 27.23 25.76
C GLU B 361 -16.73 27.43 24.46
N PHE B 362 -16.03 27.50 23.33
CA PHE B 362 -16.66 27.67 22.03
C PHE B 362 -16.97 26.31 21.42
N GLY B 363 -15.93 25.50 21.24
CA GLY B 363 -16.11 24.19 20.67
C GLY B 363 -15.62 24.13 19.23
N ILE B 364 -14.97 25.20 18.77
CA ILE B 364 -14.47 25.24 17.41
C ILE B 364 -13.05 24.67 17.32
N TYR B 365 -12.96 23.45 16.80
CA TYR B 365 -11.68 22.76 16.66
C TYR B 365 -10.93 23.12 15.38
N MET B 366 -9.83 23.86 15.53
CA MET B 366 -8.97 24.23 14.41
C MET B 366 -7.57 23.81 14.81
N VAL B 367 -6.71 23.57 13.83
CA VAL B 367 -5.34 23.13 14.12
C VAL B 367 -4.56 24.18 14.90
N GLY B 368 -3.76 23.73 15.88
CA GLY B 368 -2.98 24.61 16.73
C GLY B 368 -2.25 25.79 16.09
N ASP B 369 -2.04 25.73 14.78
CA ASP B 369 -1.36 26.80 14.06
C ASP B 369 -2.38 27.71 13.38
N SER B 370 -3.61 27.66 13.84
CA SER B 370 -4.71 28.46 13.30
C SER B 370 -5.09 28.09 11.86
N ARG B 371 -4.92 26.82 11.50
CA ARG B 371 -5.28 26.37 10.16
C ARG B 371 -6.75 25.96 10.22
N ILE B 372 -7.57 26.62 9.41
CA ILE B 372 -9.00 26.34 9.36
C ILE B 372 -9.44 25.78 8.02
N ASN B 373 -10.25 24.72 8.07
CA ASN B 373 -10.76 24.11 6.86
C ASN B 373 -12.01 24.88 6.46
N ILE B 374 -11.87 25.75 5.46
CA ILE B 374 -12.97 26.57 4.97
C ILE B 374 -14.25 25.77 4.69
N ALA B 375 -14.09 24.51 4.27
CA ALA B 375 -15.23 23.64 3.97
C ALA B 375 -16.08 23.33 5.20
N GLY B 376 -15.50 23.51 6.38
CA GLY B 376 -16.23 23.27 7.61
C GLY B 376 -17.16 24.42 7.95
N LEU B 377 -16.88 25.58 7.39
CA LEU B 377 -17.69 26.77 7.61
C LEU B 377 -19.00 26.67 6.84
N ASN B 378 -19.94 27.52 7.20
CA ASN B 378 -21.24 27.61 6.56
C ASN B 378 -21.93 28.84 7.11
N ASP B 379 -22.90 29.35 6.36
CA ASP B 379 -23.65 30.54 6.75
C ASP B 379 -23.98 30.64 8.24
N ASN B 380 -24.29 29.50 8.87
CA ASN B 380 -24.62 29.48 10.29
C ASN B 380 -23.40 29.63 11.18
N THR B 381 -22.32 28.95 10.81
CA THR B 381 -21.08 28.98 11.60
C THR B 381 -20.18 30.19 11.37
N ILE B 382 -20.27 30.78 10.19
CA ILE B 382 -19.44 31.93 9.82
C ILE B 382 -19.49 33.09 10.84
N PRO B 383 -20.69 33.62 11.14
CA PRO B 383 -20.78 34.72 12.11
C PRO B 383 -20.21 34.36 13.48
N ILE B 384 -20.44 33.12 13.90
CA ILE B 384 -19.94 32.63 15.19
C ILE B 384 -18.40 32.61 15.19
N LEU B 385 -17.82 32.17 14.08
CA LEU B 385 -16.36 32.11 13.94
C LEU B 385 -15.80 33.52 13.94
N ALA B 386 -16.38 34.40 13.12
CA ALA B 386 -15.93 35.78 13.03
C ALA B 386 -16.03 36.43 14.41
N ARG B 387 -17.14 36.17 15.09
CA ARG B 387 -17.38 36.69 16.43
C ARG B 387 -16.27 36.20 17.34
N ALA B 388 -15.98 34.90 17.26
CA ALA B 388 -14.94 34.28 18.06
C ALA B 388 -13.58 34.93 17.83
N ILE B 389 -13.22 35.11 16.57
CA ILE B 389 -11.94 35.72 16.21
C ILE B 389 -11.80 37.09 16.86
N ILE B 390 -12.87 37.87 16.85
CA ILE B 390 -12.86 39.22 17.43
C ILE B 390 -12.94 39.16 18.96
N GLU B 391 -13.75 38.23 19.48
CA GLU B 391 -13.91 38.06 20.92
C GLU B 391 -12.59 37.67 21.59
N VAL B 392 -11.74 36.95 20.86
CA VAL B 392 -10.49 36.50 21.42
C VAL B 392 -9.33 37.52 21.46
N GLY B 393 -8.43 37.54 20.47
CA GLY B 393 -7.34 38.48 20.53
C GLY B 393 -7.14 39.35 19.30
N VAL B 394 -6.55 38.75 18.27
CA VAL B 394 -6.24 39.40 16.99
C VAL B 394 -7.26 40.46 16.53
N1 PLP C . 3.63 -14.87 1.26
C2 PLP C . 3.74 -16.02 0.54
C2A PLP C . 4.73 -17.10 0.93
C3 PLP C . 2.93 -16.21 -0.55
O3 PLP C . 3.01 -17.38 -1.24
C4 PLP C . 2.03 -15.24 -0.91
C4A PLP C . 1.22 -15.44 -2.01
C5 PLP C . 1.95 -14.08 -0.18
C6 PLP C . 2.74 -13.90 0.91
C5A PLP C . 0.89 -13.04 -0.53
O4P PLP C . 1.33 -11.78 -0.93
P PLP C . 0.20 -10.66 -1.05
O1P PLP C . -0.92 -10.98 -0.16
O2P PLP C . -0.32 -10.77 -2.55
O3P PLP C . 0.93 -9.38 -0.87
N1 PLP D . 0.07 16.14 0.74
C2 PLP D . -0.82 17.06 1.14
C2A PLP D . -0.36 18.49 1.37
C3 PLP D . -2.13 16.72 1.32
O3 PLP D . -3.00 17.67 1.77
C4 PLP D . -2.54 15.42 1.04
C4A PLP D . -3.89 15.06 1.16
C5 PLP D . -1.58 14.48 0.60
C6 PLP D . -0.29 14.87 0.46
C5A PLP D . -1.92 13.07 0.18
O4P PLP D . -2.87 12.38 0.92
P PLP D . -3.18 10.87 0.58
O1P PLP D . -3.70 10.78 -0.81
O2P PLP D . -4.39 10.58 1.56
O3P PLP D . -2.01 10.05 0.99
C1' IOP E . -4.64 17.31 6.03
O1 IOP E . -3.49 17.78 5.97
O2 IOP E . -5.45 17.59 6.94
C2' IOP E . -5.06 16.29 4.99
C3' IOP E . -5.56 15.00 5.63
N1 IOP E . -3.12 13.86 8.15
C2 IOP E . -4.18 14.65 7.75
C3 IOP E . -4.52 14.34 6.46
C3A IOP E . -3.64 13.29 6.04
C4 IOP E . -3.50 12.56 4.87
C5 IOP E . -2.51 11.59 4.80
C6 IOP E . -1.65 11.35 5.89
C7 IOP E . -1.78 12.05 7.06
C7A IOP E . -2.78 13.02 7.13
#